data_9W9H
#
_entry.id   9W9H
#
_cell.length_a   1.00
_cell.length_b   1.00
_cell.length_c   1.00
_cell.angle_alpha   90.00
_cell.angle_beta   90.00
_cell.angle_gamma   90.00
#
_symmetry.space_group_name_H-M   'P 1'
#
loop_
_entity.id
_entity.type
_entity.pdbx_description
1 polymer 'Kinesin-like protein KIF3A'
2 polymer 'Kinesin-like protein KIF3B'
3 polymer 'Kinesin-associated protein 3'
#
loop_
_entity_poly.entity_id
_entity_poly.type
_entity_poly.pdbx_seq_one_letter_code
_entity_poly.pdbx_strand_id
1 'polypeptide(L)'
;MGSSHHHHHHSQVIVGGVDLLAKAEEQEKLLEESNMELEERRRRAEQLRKELEEKEQERLDIEEKYTSLQEEAQGKTKKL
KKVWTMLMAAKSEMADLQQEHQREIEGLLENIRQLSRELRLQMLIIDNFIPQDYQEMIENYVHWNEDIGEWQLKCVAYTG
NNMRKQTPVPDKKERDPFEVDLSHVYLAYTEESLRQSLMKLERPRTSKGKARPKMGRRKRSAKPETVIDSLLQ
;
A
2 'polypeptide(L)'
;LVGGKNIVDHTNEQQKILEQKRQEIAEQKRREREIQQQMESRDEETLELKETYTSLQQEVDIKTKKLKKLFSKLQAVKAE
IHDLQEEHIKERQELEQTQNELTRELKLKHLIIENFIPLEEKNKIMNRSFFDDEEDHWKLHPITRLENQQMMKRPVSAVG
YKRPLSQHARMSMMIRPEPRYRAENIMLLELDMPSRTTRDYEGPAISPKVQAALDAALQDEDEIQVDASSFESTASRKPK
ARPKSGRKSGSSSSSSGNPASQFYPQSRGLVPK
;
B
3 'polypeptide(L)'
;MQGEDARYLKRKVKGGNIDVHPSEKALIVQYEVEATILGEMGDPMLGERKECQKIIRLKSLNANTDITSLARKVVEECKL
IHPSKLSEVEQLLYYLQNRRDSLPGKEKKEKSSKPKDPPPFEGMEIDEVANINDMDEYIELLYEDIPDKVRGSALILQLA
RNPDNLEELLLNETALGALARVLREDWKQSVELATNIIYIFFCFSSFSHFHGLITHYKIGALCMNIIDHELKRHELWQEE
LSKKKKAVDEDLENQTLRKDYDKTFKKYQGLVVKQEQLLRVALYLLLNLAEDTRTELKMRNKNIVHMLVKALDRDNFELL
ILVVSFLKKLSIFMENKNDMVEMDIVEKLVKMIPCEHEDLLNITLRLLLNLSFDTGLRNKMVQVGLLPKLTALLGNENYK
QIAMCVLYHISMDDRFKSMFAYTDCIPQLMKMLFECSDERIDLELISFCINLAANKRNVQLICEGNGLKMLMKRALKLKD
PLLMKMIRNISQHDGPTKNLFIDYVGDLAAQISSDEEEEFVIECLGTLANLTIPDLDWELVLKEYKLVPFLKDKLKPGAA
EDDLVLEVVIMIGTVSMDDSCAALLAKSGIIPALIELLNAQQEDDEFVCQIIYVFYQMVFHQATRDVIIKETQAPAYLID
LMHDKNNEIRKVCDNTLDIIAEYDEEWAKKIQSEKFRWHNSQWLEMVESRQLD
;
C
#
# COMPACT_ATOMS: atom_id res chain seq x y z
N ILE A 112 -23.06 -44.36 -44.56
CA ILE A 112 -21.62 -44.56 -44.70
C ILE A 112 -20.91 -43.23 -44.90
N ARG A 113 -21.55 -42.33 -45.66
CA ARG A 113 -20.93 -41.06 -45.99
C ARG A 113 -20.74 -40.18 -44.76
N GLN A 114 -21.78 -40.10 -43.91
CA GLN A 114 -21.69 -39.25 -42.72
C GLN A 114 -20.65 -39.79 -41.74
N LEU A 115 -20.62 -41.10 -41.52
CA LEU A 115 -19.61 -41.67 -40.64
C LEU A 115 -18.21 -41.51 -41.24
N SER A 116 -18.11 -41.53 -42.58
CA SER A 116 -16.83 -41.24 -43.21
C SER A 116 -16.38 -39.81 -42.93
N ARG A 117 -17.31 -38.86 -43.02
CA ARG A 117 -16.96 -37.47 -42.76
C ARG A 117 -16.50 -37.29 -41.31
N GLU A 118 -17.22 -37.90 -40.36
CA GLU A 118 -16.84 -37.70 -38.97
C GLU A 118 -15.58 -38.48 -38.59
N LEU A 119 -15.29 -39.61 -39.26
CA LEU A 119 -14.02 -40.27 -39.01
C LEU A 119 -12.87 -39.47 -39.62
N ARG A 120 -13.11 -38.78 -40.73
CA ARG A 120 -12.11 -37.85 -41.25
C ARG A 120 -11.86 -36.72 -40.25
N LEU A 121 -12.94 -36.20 -39.65
CA LEU A 121 -12.78 -35.22 -38.58
C LEU A 121 -11.91 -35.77 -37.46
N GLN A 122 -12.18 -36.99 -37.01
CA GLN A 122 -11.43 -37.59 -35.92
C GLN A 122 -9.97 -37.82 -36.30
N MET A 123 -9.73 -38.23 -37.54
CA MET A 123 -8.37 -38.33 -38.06
C MET A 123 -7.66 -36.99 -37.97
N LEU A 124 -8.34 -35.92 -38.35
CA LEU A 124 -7.77 -34.58 -38.26
C LEU A 124 -7.42 -34.23 -36.82
N ILE A 125 -8.32 -34.56 -35.89
CA ILE A 125 -8.06 -34.27 -34.48
C ILE A 125 -6.78 -34.96 -34.02
N ILE A 126 -6.69 -36.28 -34.26
CA ILE A 126 -5.58 -37.03 -33.72
C ILE A 126 -4.28 -36.66 -34.42
N ASP A 127 -4.34 -36.27 -35.70
CA ASP A 127 -3.13 -35.81 -36.36
C ASP A 127 -2.74 -34.41 -35.91
N ASN A 128 -3.71 -33.61 -35.46
CA ASN A 128 -3.43 -32.27 -35.00
C ASN A 128 -2.95 -32.22 -33.56
N PHE A 129 -3.09 -33.31 -32.79
CA PHE A 129 -2.50 -33.30 -31.46
C PHE A 129 -1.50 -34.41 -31.17
N ILE A 130 -1.76 -35.64 -31.62
CA ILE A 130 -0.95 -36.80 -31.26
C ILE A 130 0.06 -37.04 -32.37
N PRO A 131 1.36 -37.16 -32.05
CA PRO A 131 2.35 -37.51 -33.07
C PRO A 131 2.25 -38.97 -33.48
N GLN A 132 2.97 -39.29 -34.56
CA GLN A 132 2.89 -40.63 -35.14
C GLN A 132 3.49 -41.68 -34.22
N ASP A 133 4.62 -41.37 -33.60
CA ASP A 133 5.26 -42.33 -32.70
C ASP A 133 4.35 -42.66 -31.52
N TYR A 134 3.78 -41.63 -30.90
CA TYR A 134 2.85 -41.85 -29.81
C TYR A 134 1.57 -42.52 -30.29
N GLN A 135 1.13 -42.22 -31.52
CA GLN A 135 -0.05 -42.87 -32.08
C GLN A 135 0.16 -44.37 -32.19
N GLU A 136 1.31 -44.79 -32.73
CA GLU A 136 1.56 -46.22 -32.88
C GLU A 136 1.81 -46.88 -31.53
N MET A 137 2.43 -46.16 -30.58
CA MET A 137 2.58 -46.73 -29.24
C MET A 137 1.22 -46.95 -28.57
N ILE A 138 0.32 -45.97 -28.69
CA ILE A 138 -1.02 -46.12 -28.14
C ILE A 138 -1.76 -47.27 -28.81
N GLU A 139 -1.59 -47.41 -30.13
CA GLU A 139 -2.17 -48.54 -30.84
C GLU A 139 -1.62 -49.86 -30.30
N ASN A 140 -0.32 -49.90 -30.00
CA ASN A 140 0.29 -51.11 -29.43
C ASN A 140 -0.24 -51.41 -28.04
N TYR A 141 -0.62 -50.38 -27.27
CA TYR A 141 -1.08 -50.55 -25.90
C TYR A 141 -2.60 -50.47 -25.77
N VAL A 142 -3.33 -51.00 -26.76
CA VAL A 142 -4.78 -51.05 -26.72
C VAL A 142 -5.22 -52.47 -27.09
N HIS A 143 -6.42 -52.85 -26.64
CA HIS A 143 -6.91 -54.20 -26.87
C HIS A 143 -8.40 -54.16 -27.20
N TRP A 144 -8.84 -55.11 -28.02
CA TRP A 144 -10.23 -55.21 -28.45
C TRP A 144 -10.87 -56.43 -27.77
N ASN A 145 -11.76 -56.18 -26.81
CA ASN A 145 -12.37 -57.27 -26.04
C ASN A 145 -13.84 -57.43 -26.44
N GLU A 146 -14.26 -58.68 -26.59
CA GLU A 146 -15.52 -59.03 -27.24
C GLU A 146 -16.67 -59.21 -26.25
N ASP A 147 -16.39 -59.58 -25.00
CA ASP A 147 -17.46 -59.87 -24.05
C ASP A 147 -18.35 -58.65 -23.84
N ILE A 148 -17.75 -57.49 -23.59
CA ILE A 148 -18.48 -56.24 -23.60
C ILE A 148 -18.39 -55.55 -24.97
N GLY A 149 -17.33 -55.80 -25.73
CA GLY A 149 -17.20 -55.23 -27.05
C GLY A 149 -16.65 -53.82 -27.04
N GLU A 150 -15.43 -53.65 -26.52
CA GLU A 150 -14.88 -52.31 -26.38
C GLU A 150 -13.36 -52.37 -26.39
N TRP A 151 -12.75 -51.19 -26.54
CA TRP A 151 -11.30 -51.09 -26.54
C TRP A 151 -10.79 -50.80 -25.14
N GLN A 152 -10.16 -51.82 -24.54
CA GLN A 152 -9.53 -51.70 -23.23
C GLN A 152 -8.15 -51.06 -23.41
N LEU A 153 -7.94 -49.94 -22.74
CA LEU A 153 -6.68 -49.23 -22.76
C LEU A 153 -5.97 -49.48 -21.44
N LYS A 154 -4.73 -49.96 -21.51
CA LYS A 154 -4.00 -50.33 -20.31
C LYS A 154 -3.70 -49.09 -19.48
N CYS A 155 -4.06 -49.14 -18.20
CA CYS A 155 -3.96 -47.99 -17.29
C CYS A 155 -4.78 -46.80 -17.80
N VAL A 156 -6.07 -47.07 -18.08
CA VAL A 156 -6.92 -46.07 -18.69
C VAL A 156 -7.23 -44.95 -17.72
N ALA A 157 -7.18 -45.24 -16.42
CA ALA A 157 -7.53 -44.23 -15.43
C ALA A 157 -6.47 -43.14 -15.30
N TYR A 158 -5.22 -43.44 -15.66
CA TYR A 158 -4.10 -42.53 -15.43
C TYR A 158 -3.77 -41.70 -16.67
N THR A 159 -4.76 -41.39 -17.48
CA THR A 159 -4.58 -40.49 -18.60
C THR A 159 -4.81 -39.05 -18.17
N GLY A 160 -4.48 -38.12 -19.05
CA GLY A 160 -4.42 -36.71 -18.65
C GLY A 160 -5.75 -36.14 -18.23
N ASN A 161 -6.83 -36.47 -18.96
CA ASN A 161 -8.14 -35.90 -18.64
C ASN A 161 -8.61 -36.31 -17.25
N ASN A 162 -8.46 -37.59 -16.92
CA ASN A 162 -8.85 -38.05 -15.59
C ASN A 162 -7.98 -37.42 -14.50
N MET A 163 -6.68 -37.26 -14.77
CA MET A 163 -5.81 -36.61 -13.79
C MET A 163 -6.23 -35.16 -13.56
N ARG A 164 -6.60 -34.43 -14.62
CA ARG A 164 -7.08 -33.07 -14.43
C ARG A 164 -8.38 -33.06 -13.63
N LYS A 165 -9.28 -34.00 -13.93
CA LYS A 165 -10.52 -34.12 -13.17
C LYS A 165 -10.23 -34.43 -11.69
N GLN A 166 -9.08 -35.05 -11.41
CA GLN A 166 -8.69 -35.38 -10.04
C GLN A 166 -8.04 -34.23 -9.30
N THR A 167 -7.60 -33.20 -10.04
CA THR A 167 -6.89 -32.06 -9.41
C THR A 167 -7.83 -30.90 -9.24
N PRO A 168 -8.09 -30.43 -8.00
CA PRO A 168 -8.93 -29.23 -7.74
C PRO A 168 -8.08 -27.98 -7.88
N VAL A 169 -7.47 -27.78 -9.06
CA VAL A 169 -6.57 -26.62 -9.29
C VAL A 169 -7.10 -25.36 -8.56
N PRO A 170 -8.33 -24.83 -8.78
CA PRO A 170 -8.77 -23.57 -8.11
C PRO A 170 -8.41 -23.58 -6.64
N ASP A 171 -7.52 -22.68 -6.23
CA ASP A 171 -7.09 -22.61 -4.80
C ASP A 171 -7.38 -21.21 -4.24
N LYS A 172 -7.07 -20.99 -2.96
CA LYS A 172 -7.32 -19.66 -2.33
C LYS A 172 -6.04 -18.82 -2.40
N LYS A 173 -5.94 -17.96 -3.41
CA LYS A 173 -4.77 -17.05 -3.50
C LYS A 173 -4.86 -16.01 -2.37
N GLU A 174 -3.73 -15.41 -1.98
CA GLU A 174 -3.74 -14.46 -0.84
C GLU A 174 -3.77 -13.02 -1.36
N ARG A 175 -3.74 -12.04 -0.43
CA ARG A 175 -3.77 -10.61 -0.83
C ARG A 175 -2.38 -10.19 -1.33
N ASP A 176 -2.29 -9.07 -2.05
CA ASP A 176 -0.99 -8.64 -2.63
C ASP A 176 0.10 -8.74 -1.57
N PRO A 177 1.14 -9.59 -1.76
CA PRO A 177 2.26 -9.65 -0.81
C PRO A 177 2.95 -8.32 -0.57
N PHE A 178 2.60 -7.26 -1.31
CA PHE A 178 3.25 -5.97 -1.18
C PHE A 178 2.37 -4.94 -0.49
N GLU A 179 1.49 -5.38 0.40
CA GLU A 179 0.62 -4.44 1.10
C GLU A 179 1.39 -3.66 2.16
N VAL A 180 0.89 -2.46 2.45
CA VAL A 180 1.46 -1.64 3.50
C VAL A 180 0.92 -2.10 4.85
N ASP A 181 1.82 -2.30 5.80
CA ASP A 181 1.45 -2.66 7.17
C ASP A 181 2.40 -1.90 8.09
N LEU A 182 1.96 -0.75 8.58
CA LEU A 182 2.79 0.14 9.38
C LEU A 182 2.60 -0.07 10.87
N SER A 183 1.85 -1.09 11.28
CA SER A 183 1.60 -1.31 12.69
C SER A 183 2.83 -1.78 13.45
N HIS A 184 3.92 -2.13 12.76
CA HIS A 184 5.14 -2.52 13.43
C HIS A 184 5.81 -1.34 14.15
N VAL A 185 5.39 -0.11 13.87
CA VAL A 185 6.02 1.05 14.49
C VAL A 185 5.50 1.30 15.90
N TYR A 186 4.37 0.71 16.26
CA TYR A 186 3.79 0.97 17.57
C TYR A 186 4.53 0.18 18.65
N LEU A 187 4.83 0.86 19.75
CA LEU A 187 5.56 0.23 20.85
C LEU A 187 4.64 -0.65 21.68
N ALA A 188 5.25 -1.42 22.57
CA ALA A 188 4.54 -2.24 23.54
C ALA A 188 5.20 -2.07 24.89
N TYR A 189 4.42 -2.20 25.95
CA TYR A 189 4.93 -2.00 27.30
C TYR A 189 5.80 -3.19 27.72
N THR A 190 6.75 -2.90 28.61
CA THR A 190 7.77 -3.86 29.05
C THR A 190 8.45 -4.55 27.86
N ASN B 100 -18.50 -52.53 -40.17
CA ASN B 100 -18.46 -52.83 -38.75
C ASN B 100 -17.08 -52.52 -38.17
N GLU B 101 -16.03 -52.97 -38.85
CA GLU B 101 -14.69 -52.61 -38.46
C GLU B 101 -14.46 -51.11 -38.57
N LEU B 102 -15.20 -50.44 -39.47
CA LEU B 102 -15.12 -49.00 -39.57
C LEU B 102 -15.59 -48.35 -38.27
N THR B 103 -16.79 -48.72 -37.80
CA THR B 103 -17.28 -48.19 -36.54
C THR B 103 -16.40 -48.63 -35.37
N ARG B 104 -15.78 -49.80 -35.48
CA ARG B 104 -14.82 -50.25 -34.48
C ARG B 104 -13.67 -49.26 -34.35
N GLU B 105 -13.06 -48.89 -35.48
CA GLU B 105 -11.95 -47.95 -35.40
C GLU B 105 -12.44 -46.56 -35.03
N LEU B 106 -13.67 -46.21 -35.43
CA LEU B 106 -14.29 -44.99 -34.92
C LEU B 106 -14.25 -44.94 -33.40
N LYS B 107 -14.87 -45.92 -32.75
CA LYS B 107 -14.93 -45.90 -31.29
C LYS B 107 -13.54 -46.01 -30.67
N LEU B 108 -12.58 -46.67 -31.34
CA LEU B 108 -11.21 -46.67 -30.86
C LEU B 108 -10.66 -45.25 -30.79
N LYS B 109 -10.80 -44.49 -31.87
CA LYS B 109 -10.25 -43.15 -31.88
C LYS B 109 -11.03 -42.22 -30.96
N HIS B 110 -12.33 -42.46 -30.78
CA HIS B 110 -13.08 -41.73 -29.75
C HIS B 110 -12.50 -42.00 -28.37
N LEU B 111 -12.17 -43.26 -28.09
CA LEU B 111 -11.61 -43.60 -26.78
C LEU B 111 -10.29 -42.87 -26.56
N ILE B 112 -9.41 -42.89 -27.56
CA ILE B 112 -8.10 -42.26 -27.37
C ILE B 112 -8.25 -40.74 -27.28
N ILE B 113 -9.17 -40.15 -28.05
CA ILE B 113 -9.39 -38.71 -27.96
C ILE B 113 -9.89 -38.33 -26.58
N GLU B 114 -10.82 -39.13 -26.04
CA GLU B 114 -11.32 -38.87 -24.70
C GLU B 114 -10.20 -38.92 -23.67
N ASN B 115 -9.34 -39.95 -23.75
CA ASN B 115 -8.32 -40.10 -22.72
C ASN B 115 -7.23 -39.04 -22.80
N PHE B 116 -6.68 -38.81 -24.00
CA PHE B 116 -5.45 -38.05 -24.12
C PHE B 116 -5.64 -36.60 -24.53
N ILE B 117 -6.44 -36.32 -25.55
CA ILE B 117 -6.49 -34.97 -26.11
C ILE B 117 -7.25 -34.06 -25.15
N PRO B 118 -6.70 -32.89 -24.81
CA PRO B 118 -7.42 -31.94 -23.96
C PRO B 118 -8.67 -31.39 -24.62
N LEU B 119 -9.61 -30.94 -23.79
CA LEU B 119 -10.84 -30.34 -24.31
C LEU B 119 -10.56 -29.05 -25.04
N GLU B 120 -9.72 -28.17 -24.48
CA GLU B 120 -9.54 -26.84 -25.03
C GLU B 120 -8.97 -26.89 -26.43
N GLU B 121 -7.85 -27.60 -26.60
CA GLU B 121 -7.28 -27.75 -27.93
C GLU B 121 -8.24 -28.47 -28.86
N LYS B 122 -9.07 -29.36 -28.31
CA LYS B 122 -10.05 -30.07 -29.12
C LYS B 122 -11.05 -29.10 -29.75
N ASN B 123 -11.67 -28.25 -28.95
CA ASN B 123 -12.63 -27.31 -29.55
C ASN B 123 -11.91 -26.26 -30.39
N LYS B 124 -10.66 -25.94 -30.07
CA LYS B 124 -9.89 -25.03 -30.92
C LYS B 124 -9.74 -25.62 -32.32
N ILE B 125 -9.39 -26.90 -32.41
CA ILE B 125 -9.17 -27.47 -33.73
C ILE B 125 -10.48 -27.75 -34.45
N MET B 126 -11.59 -27.96 -33.71
CA MET B 126 -12.88 -27.93 -34.39
C MET B 126 -13.19 -26.56 -34.98
N ASN B 127 -12.98 -25.50 -34.21
CA ASN B 127 -13.25 -24.16 -34.71
C ASN B 127 -12.34 -23.76 -35.85
N ARG B 128 -11.16 -24.38 -35.94
CA ARG B 128 -10.21 -24.08 -37.01
C ARG B 128 -10.30 -25.04 -38.20
N SER B 129 -11.20 -26.02 -38.16
CA SER B 129 -11.32 -26.97 -39.26
C SER B 129 -12.35 -26.49 -40.28
N PHE B 130 -12.12 -26.86 -41.55
CA PHE B 130 -13.08 -26.51 -42.60
C PHE B 130 -13.09 -27.62 -43.64
N PHE B 131 -14.28 -28.11 -43.99
CA PHE B 131 -14.43 -29.21 -44.94
C PHE B 131 -14.57 -28.64 -46.33
N ASP B 132 -13.58 -28.89 -47.18
CA ASP B 132 -13.64 -28.51 -48.59
C ASP B 132 -14.26 -29.65 -49.38
N ASP B 133 -15.32 -29.34 -50.12
CA ASP B 133 -16.01 -30.33 -50.95
C ASP B 133 -15.25 -30.64 -52.23
N GLU B 134 -14.62 -29.63 -52.83
CA GLU B 134 -13.93 -29.82 -54.10
C GLU B 134 -12.79 -30.83 -53.96
N GLU B 135 -11.98 -30.69 -52.92
CA GLU B 135 -10.97 -31.68 -52.59
C GLU B 135 -11.49 -32.74 -51.65
N ASP B 136 -12.70 -32.58 -51.12
CA ASP B 136 -13.40 -33.58 -50.32
C ASP B 136 -12.58 -34.01 -49.10
N HIS B 137 -12.09 -33.02 -48.35
CA HIS B 137 -11.35 -33.33 -47.12
C HIS B 137 -11.28 -32.09 -46.24
N TRP B 138 -10.70 -32.27 -45.06
CA TRP B 138 -10.65 -31.23 -44.05
C TRP B 138 -9.32 -30.47 -44.10
N LYS B 139 -9.42 -29.15 -43.99
CA LYS B 139 -8.27 -28.25 -44.00
C LYS B 139 -8.25 -27.38 -42.75
N LEU B 140 -7.17 -26.65 -42.56
CA LEU B 140 -6.89 -25.92 -41.32
C LEU B 140 -6.67 -24.45 -41.68
N HIS B 141 -6.37 -23.63 -40.67
CA HIS B 141 -6.02 -22.23 -40.87
C HIS B 141 -4.76 -21.90 -40.09
N PRO B 142 -4.01 -20.87 -40.49
CA PRO B 142 -2.84 -20.46 -39.70
C PRO B 142 -3.23 -19.81 -38.38
N ILE B 143 -2.25 -19.36 -37.60
CA ILE B 143 -2.55 -18.73 -36.33
C ILE B 143 -2.05 -17.29 -36.30
N THR B 144 -0.74 -17.08 -36.52
CA THR B 144 -0.19 -15.74 -36.40
C THR B 144 -0.75 -14.79 -37.46
N ARG B 145 -1.22 -15.33 -38.59
CA ARG B 145 -1.81 -14.48 -39.62
C ARG B 145 -3.23 -14.07 -39.22
N LEU B 146 -3.95 -14.95 -38.51
CA LEU B 146 -5.27 -14.60 -38.01
C LEU B 146 -5.18 -13.57 -36.89
N GLU B 147 -4.32 -13.83 -35.90
CA GLU B 147 -4.09 -12.92 -34.78
C GLU B 147 -2.94 -11.98 -35.15
N ASN B 148 -2.34 -11.25 -34.22
CA ASN B 148 -1.31 -10.22 -34.44
C ASN B 148 -1.94 -8.91 -34.86
N GLN B 149 -3.26 -8.89 -35.07
CA GLN B 149 -3.98 -7.63 -35.12
C GLN B 149 -4.15 -7.07 -33.71
N GLN B 150 -4.54 -7.94 -32.77
CA GLN B 150 -4.57 -7.59 -31.36
C GLN B 150 -3.33 -8.17 -30.68
N MET B 151 -2.19 -7.52 -30.98
CA MET B 151 -0.91 -7.94 -30.42
C MET B 151 -0.93 -7.86 -28.90
N MET B 152 -0.29 -8.85 -28.26
CA MET B 152 -0.38 -8.98 -26.82
C MET B 152 0.28 -7.80 -26.12
N LYS B 153 -0.30 -7.37 -25.00
CA LYS B 153 0.29 -6.34 -24.17
C LYS B 153 1.30 -6.95 -23.21
N ARG B 154 2.33 -6.19 -22.88
CA ARG B 154 3.39 -6.69 -22.01
C ARG B 154 2.81 -7.05 -20.64
N PRO B 155 3.16 -8.20 -20.07
CA PRO B 155 2.69 -8.52 -18.72
C PRO B 155 3.09 -7.44 -17.73
N VAL B 156 2.15 -7.08 -16.86
CA VAL B 156 2.41 -6.01 -15.89
C VAL B 156 3.48 -6.45 -14.90
N SER B 157 3.36 -7.66 -14.38
CA SER B 157 4.37 -8.23 -13.50
C SER B 157 4.08 -9.71 -13.31
N ALA B 158 5.13 -10.52 -13.32
CA ALA B 158 5.00 -11.94 -13.07
C ALA B 158 4.99 -12.29 -11.60
N VAL B 159 5.19 -11.32 -10.71
CA VAL B 159 5.21 -11.53 -9.28
C VAL B 159 4.09 -10.76 -8.57
N GLY B 160 3.13 -10.22 -9.32
CA GLY B 160 2.01 -9.53 -8.75
C GLY B 160 2.21 -8.07 -8.43
N TYR B 161 3.36 -7.49 -8.80
CA TYR B 161 3.64 -6.11 -8.52
C TYR B 161 2.97 -5.20 -9.55
N LYS B 162 3.08 -3.89 -9.32
CA LYS B 162 2.54 -2.92 -10.27
C LYS B 162 3.42 -2.79 -11.51
N ARG B 163 4.69 -3.14 -11.39
CA ARG B 163 5.65 -3.11 -12.49
C ARG B 163 6.58 -4.30 -12.33
N PRO B 164 7.31 -4.68 -13.38
CA PRO B 164 8.26 -5.79 -13.25
C PRO B 164 9.25 -5.54 -12.11
N LEU B 165 9.51 -6.59 -11.33
CA LEU B 165 10.28 -6.47 -10.11
C LEU B 165 11.18 -7.69 -9.96
N SER B 166 12.49 -7.46 -9.88
CA SER B 166 13.42 -8.55 -9.76
C SER B 166 13.48 -9.06 -8.31
N GLN B 167 14.03 -10.26 -8.16
CA GLN B 167 14.19 -10.83 -6.83
C GLN B 167 15.20 -10.04 -6.01
N HIS B 168 16.24 -9.52 -6.66
CA HIS B 168 17.21 -8.67 -5.98
C HIS B 168 16.54 -7.46 -5.37
N ALA B 169 15.62 -6.83 -6.12
CA ALA B 169 14.88 -5.69 -5.58
C ALA B 169 13.93 -6.12 -4.47
N ARG B 170 13.41 -7.35 -4.52
CA ARG B 170 12.57 -7.84 -3.43
C ARG B 170 13.37 -8.00 -2.14
N MET B 171 14.53 -8.64 -2.22
CA MET B 171 15.35 -8.80 -1.01
C MET B 171 15.85 -7.44 -0.50
N SER B 172 16.26 -6.55 -1.41
CA SER B 172 16.77 -5.25 -0.98
C SER B 172 15.66 -4.32 -0.50
N MET B 173 14.41 -4.58 -0.89
CA MET B 173 13.31 -3.75 -0.43
C MET B 173 12.96 -4.04 1.01
N MET B 174 13.16 -5.28 1.46
CA MET B 174 12.78 -5.66 2.82
C MET B 174 13.76 -5.13 3.85
N ILE B 175 15.03 -4.94 3.49
CA ILE B 175 16.08 -4.53 4.42
C ILE B 175 16.54 -3.09 4.17
N ARG B 176 16.88 -2.78 2.92
CA ARG B 176 17.38 -1.45 2.61
C ARG B 176 16.23 -0.47 2.43
N PRO B 177 16.37 0.76 2.94
CA PRO B 177 15.29 1.74 2.79
C PRO B 177 15.44 2.62 1.55
N GLU B 178 16.34 2.23 0.64
CA GLU B 178 16.58 3.05 -0.54
C GLU B 178 15.33 3.09 -1.41
N PRO B 179 15.00 4.25 -1.98
CA PRO B 179 13.82 4.36 -2.84
C PRO B 179 13.99 3.70 -4.19
N ARG B 180 15.21 3.28 -4.54
CA ARG B 180 15.49 2.80 -5.89
C ARG B 180 14.68 1.56 -6.22
N TYR B 181 14.48 0.68 -5.25
CA TYR B 181 13.84 -0.60 -5.49
C TYR B 181 12.31 -0.55 -5.39
N ARG B 182 11.74 0.61 -5.10
CA ARG B 182 10.30 0.73 -4.86
C ARG B 182 9.66 1.59 -5.94
N ALA B 183 8.54 1.13 -6.48
CA ALA B 183 7.76 1.95 -7.40
C ALA B 183 7.00 3.05 -6.67
N GLU B 184 6.46 2.74 -5.49
CA GLU B 184 5.72 3.70 -4.68
C GLU B 184 6.09 3.50 -3.22
N ASN B 185 5.47 4.32 -2.36
CA ASN B 185 5.65 4.25 -0.92
C ASN B 185 7.14 4.30 -0.53
N ILE B 186 7.83 5.30 -1.06
CA ILE B 186 9.27 5.42 -0.89
C ILE B 186 9.66 6.12 0.41
N MET B 187 8.69 6.64 1.16
CA MET B 187 8.95 7.30 2.43
C MET B 187 8.73 6.32 3.57
N LEU B 188 9.60 6.38 4.57
CA LEU B 188 9.45 5.61 5.81
C LEU B 188 9.30 6.59 6.95
N LEU B 189 8.05 6.98 7.23
CA LEU B 189 7.76 7.89 8.32
C LEU B 189 7.80 7.16 9.65
N GLU B 190 8.10 7.91 10.71
CA GLU B 190 8.15 7.38 12.07
C GLU B 190 7.12 8.11 12.94
N LEU B 191 6.88 7.54 14.11
CA LEU B 191 5.93 8.15 15.04
C LEU B 191 6.50 9.43 15.64
N ASP B 192 5.59 10.33 16.03
CA ASP B 192 5.96 11.59 16.66
C ASP B 192 6.13 11.34 18.15
N MET B 193 7.38 11.28 18.59
CA MET B 193 7.66 10.98 19.97
C MET B 193 7.22 12.13 20.88
N PRO B 194 6.74 11.83 22.08
CA PRO B 194 6.30 12.90 22.99
C PRO B 194 7.46 13.76 23.46
N SER B 195 7.15 15.02 23.75
CA SER B 195 8.12 15.98 24.24
C SER B 195 8.21 15.95 25.75
N ARG B 196 9.22 16.63 26.29
CA ARG B 196 9.45 16.69 27.72
C ARG B 196 8.66 17.85 28.31
N THR B 197 7.84 17.55 29.33
CA THR B 197 7.04 18.57 29.98
C THR B 197 7.62 19.03 31.32
N THR B 198 8.56 18.29 31.88
CA THR B 198 9.09 18.56 33.21
C THR B 198 10.48 19.15 33.12
N ARG B 199 10.80 20.06 34.04
CA ARG B 199 12.11 20.69 34.13
C ARG B 199 13.03 19.92 35.04
N ASP B 200 14.21 20.47 35.33
CA ASP B 200 15.17 19.82 36.20
C ASP B 200 15.51 20.67 37.42
N TYR B 201 15.72 21.96 37.19
CA TYR B 201 16.08 22.98 38.20
C TYR B 201 17.03 22.47 39.28
N VAL C 129 -1.27 36.05 49.31
CA VAL C 129 -1.49 37.30 50.12
C VAL C 129 -0.28 37.49 51.05
N ALA C 130 -0.52 37.96 52.27
CA ALA C 130 0.58 38.13 53.26
C ALA C 130 0.93 36.77 53.84
N ASN C 131 1.80 36.02 53.18
CA ASN C 131 2.20 34.66 53.66
C ASN C 131 3.72 34.60 53.82
N ILE C 132 4.21 34.75 55.05
CA ILE C 132 5.68 34.70 55.31
C ILE C 132 6.17 33.26 55.04
N ASN C 133 7.48 33.08 54.85
CA ASN C 133 7.98 31.72 54.47
C ASN C 133 7.70 30.69 55.57
N ASP C 134 7.51 31.12 56.82
CA ASP C 134 7.15 30.16 57.91
C ASP C 134 5.95 29.33 57.44
N MET C 135 5.79 28.09 57.92
CA MET C 135 4.67 27.28 57.37
C MET C 135 3.82 26.69 58.50
N ASP C 136 3.95 27.19 59.74
CA ASP C 136 3.05 26.67 60.80
C ASP C 136 1.95 27.70 61.03
N GLU C 137 0.94 27.38 61.85
CA GLU C 137 -0.20 28.26 62.06
C GLU C 137 -1.07 28.39 60.79
N TYR C 138 -0.63 27.82 59.68
CA TYR C 138 -1.49 27.72 58.50
C TYR C 138 -1.97 26.30 58.26
N ILE C 139 -1.13 25.29 58.48
CA ILE C 139 -1.59 23.92 58.43
C ILE C 139 -2.43 23.55 59.65
N GLU C 140 -2.26 24.25 60.77
CA GLU C 140 -3.09 23.97 61.94
C GLU C 140 -4.54 24.30 61.66
N LEU C 141 -4.78 25.37 60.91
CA LEU C 141 -6.13 25.72 60.48
C LEU C 141 -6.60 24.92 59.28
N LEU C 142 -5.73 24.09 58.71
CA LEU C 142 -6.09 23.29 57.54
C LEU C 142 -6.93 22.07 57.90
N TYR C 143 -6.93 21.66 59.16
CA TYR C 143 -7.77 20.54 59.59
C TYR C 143 -8.62 20.90 60.80
N GLU C 144 -9.08 22.14 60.90
CA GLU C 144 -9.90 22.56 62.02
C GLU C 144 -11.31 22.99 61.63
N ASP C 145 -11.51 23.46 60.40
CA ASP C 145 -12.84 23.93 59.98
C ASP C 145 -12.90 23.99 58.46
N ILE C 146 -14.10 23.85 57.92
CA ILE C 146 -14.31 23.73 56.47
C ILE C 146 -14.28 25.09 55.76
N PRO C 147 -14.86 26.18 56.27
CA PRO C 147 -14.75 27.44 55.52
C PRO C 147 -13.32 27.92 55.36
N ASP C 148 -12.43 27.58 56.29
CA ASP C 148 -11.05 28.02 56.26
C ASP C 148 -10.10 26.99 55.66
N LYS C 149 -10.61 25.84 55.23
CA LYS C 149 -9.78 24.91 54.47
C LYS C 149 -9.24 25.58 53.20
N VAL C 150 -10.11 26.31 52.50
CA VAL C 150 -9.72 26.95 51.26
C VAL C 150 -8.71 28.06 51.51
N ARG C 151 -8.85 28.77 52.64
CA ARG C 151 -7.91 29.83 52.95
C ARG C 151 -6.49 29.28 53.15
N GLY C 152 -6.38 28.20 53.92
CA GLY C 152 -5.07 27.58 54.09
C GLY C 152 -4.54 26.98 52.80
N SER C 153 -5.42 26.41 51.99
CA SER C 153 -4.99 25.88 50.70
C SER C 153 -4.42 26.98 49.81
N ALA C 154 -5.10 28.13 49.74
CA ALA C 154 -4.61 29.23 48.91
C ALA C 154 -3.34 29.83 49.49
N LEU C 155 -3.23 29.91 50.81
CA LEU C 155 -2.01 30.43 51.42
C LEU C 155 -0.82 29.54 51.10
N ILE C 156 -1.01 28.22 51.17
CA ILE C 156 0.06 27.29 50.79
C ILE C 156 0.32 27.40 49.29
N LEU C 157 -0.72 27.64 48.50
CA LEU C 157 -0.58 27.77 47.07
C LEU C 157 0.33 28.93 46.69
N GLN C 158 0.18 30.08 47.37
CA GLN C 158 1.05 31.22 47.10
C GLN C 158 2.51 30.85 47.26
N LEU C 159 2.82 30.04 48.27
CA LEU C 159 4.20 29.64 48.50
C LEU C 159 4.67 28.63 47.46
N ALA C 160 3.83 27.64 47.17
CA ALA C 160 4.16 26.58 46.21
C ALA C 160 4.42 27.15 44.81
N ARG C 161 3.87 28.33 44.51
CA ARG C 161 4.07 28.91 43.19
C ARG C 161 5.47 29.44 43.00
N ASN C 162 6.17 29.79 44.08
CA ASN C 162 7.56 30.22 44.00
C ASN C 162 8.47 29.03 44.18
N PRO C 163 9.31 28.69 43.19
CA PRO C 163 10.15 27.49 43.32
C PRO C 163 11.28 27.62 44.33
N ASP C 164 11.55 28.82 44.86
CA ASP C 164 12.66 28.95 45.80
C ASP C 164 12.36 28.31 47.15
N ASN C 165 11.14 28.46 47.65
CA ASN C 165 10.73 27.86 48.92
C ASN C 165 10.06 26.51 48.76
N LEU C 166 10.09 25.95 47.54
CA LEU C 166 9.57 24.61 47.32
C LEU C 166 10.34 23.59 48.14
N GLU C 167 11.66 23.76 48.26
CA GLU C 167 12.46 22.85 49.08
C GLU C 167 12.05 22.94 50.55
N GLU C 168 11.86 24.15 51.05
CA GLU C 168 11.46 24.32 52.45
C GLU C 168 10.10 23.67 52.70
N LEU C 169 9.16 23.85 51.77
CA LEU C 169 7.88 23.16 51.86
C LEU C 169 8.04 21.65 51.78
N LEU C 170 9.02 21.17 51.01
CA LEU C 170 9.23 19.74 50.83
C LEU C 170 9.75 19.09 52.11
N LEU C 171 10.79 19.67 52.71
CA LEU C 171 11.30 19.14 53.97
C LEU C 171 10.34 19.36 55.12
N ASN C 172 9.34 20.21 54.94
CA ASN C 172 8.30 20.35 55.96
C ASN C 172 7.53 19.04 56.11
N GLU C 173 7.34 18.61 57.35
CA GLU C 173 6.57 17.41 57.65
C GLU C 173 5.21 17.80 58.20
N THR C 174 4.28 16.84 58.15
CA THR C 174 2.89 17.03 58.56
C THR C 174 2.23 18.20 57.84
N ALA C 175 2.75 18.58 56.67
CA ALA C 175 2.17 19.65 55.86
C ALA C 175 1.60 19.12 54.56
N LEU C 176 2.39 18.39 53.78
CA LEU C 176 1.86 17.76 52.57
C LEU C 176 0.94 16.59 52.94
N GLY C 177 1.23 15.90 54.03
CA GLY C 177 0.36 14.83 54.47
C GLY C 177 -1.02 15.32 54.85
N ALA C 178 -1.08 16.47 55.53
CA ALA C 178 -2.38 17.06 55.85
C ALA C 178 -3.12 17.45 54.59
N LEU C 179 -2.39 17.97 53.59
CA LEU C 179 -3.00 18.31 52.31
C LEU C 179 -3.61 17.09 51.64
N ALA C 180 -2.87 15.97 51.61
CA ALA C 180 -3.39 14.76 51.00
C ALA C 180 -4.59 14.23 51.77
N ARG C 181 -4.52 14.27 53.10
CA ARG C 181 -5.65 13.80 53.91
C ARG C 181 -6.90 14.63 53.67
N VAL C 182 -6.75 15.95 53.60
CA VAL C 182 -7.89 16.83 53.34
C VAL C 182 -8.43 16.59 51.94
N LEU C 183 -7.54 16.36 50.99
CA LEU C 183 -7.94 16.06 49.62
C LEU C 183 -8.75 14.79 49.53
N ARG C 184 -8.34 13.75 50.27
CA ARG C 184 -8.83 12.40 50.02
C ARG C 184 -10.35 12.31 50.10
N GLU C 185 -10.94 12.86 51.15
CA GLU C 185 -12.36 12.68 51.39
C GLU C 185 -13.14 13.99 51.49
N ASP C 186 -12.53 15.13 51.21
CA ASP C 186 -13.24 16.41 51.23
C ASP C 186 -13.25 17.10 49.88
N TRP C 187 -13.09 16.35 48.79
CA TRP C 187 -13.12 16.93 47.45
C TRP C 187 -14.48 16.83 46.79
N LYS C 188 -15.43 16.10 47.37
CA LYS C 188 -16.74 15.94 46.74
C LYS C 188 -17.72 17.04 47.11
N GLN C 189 -17.27 17.97 47.95
CA GLN C 189 -18.13 19.08 48.41
C GLN C 189 -17.32 20.38 48.42
N SER C 190 -16.30 20.48 47.56
CA SER C 190 -15.41 21.67 47.62
C SER C 190 -15.19 22.28 46.22
N VAL C 191 -14.55 21.55 45.31
CA VAL C 191 -14.22 22.07 43.95
C VAL C 191 -13.18 23.19 44.11
N GLU C 192 -13.45 24.20 44.95
CA GLU C 192 -12.46 25.23 45.18
C GLU C 192 -11.28 24.69 45.99
N LEU C 193 -11.57 23.95 47.05
CA LEU C 193 -10.52 23.25 47.78
C LEU C 193 -9.87 22.16 46.95
N ALA C 194 -10.57 21.64 45.97
CA ALA C 194 -9.97 20.70 45.05
C ALA C 194 -8.93 21.35 44.15
N THR C 195 -8.64 22.63 44.33
CA THR C 195 -7.47 23.26 43.74
C THR C 195 -6.30 23.30 44.70
N ASN C 196 -6.31 22.46 45.75
CA ASN C 196 -5.08 22.10 46.45
C ASN C 196 -4.55 20.74 46.01
N ILE C 197 -5.40 19.93 45.35
CA ILE C 197 -4.93 18.71 44.71
C ILE C 197 -3.81 19.05 43.75
N ILE C 198 -4.01 20.09 42.97
CA ILE C 198 -3.12 20.49 41.92
C ILE C 198 -2.89 21.99 42.08
N TYR C 199 -1.92 22.50 41.33
CA TYR C 199 -1.33 23.82 41.52
C TYR C 199 -0.44 23.84 42.76
N ILE C 200 -0.50 22.78 43.56
CA ILE C 200 0.49 22.59 44.62
C ILE C 200 1.30 21.37 44.23
N PHE C 201 0.61 20.26 44.01
CA PHE C 201 1.26 19.06 43.52
C PHE C 201 1.51 19.13 42.02
N PHE C 202 0.86 20.04 41.30
CA PHE C 202 1.34 20.40 39.96
C PHE C 202 2.67 21.12 40.05
N CYS C 203 2.80 22.04 41.00
CA CYS C 203 4.07 22.73 41.19
C CYS C 203 5.17 21.76 41.57
N PHE C 204 4.87 20.79 42.43
CA PHE C 204 5.84 19.74 42.70
C PHE C 204 6.06 18.84 41.50
N SER C 205 5.05 18.69 40.64
CA SER C 205 5.09 17.76 39.53
C SER C 205 5.79 18.31 38.30
N SER C 206 6.09 19.61 38.27
CA SER C 206 6.82 20.16 37.13
C SER C 206 8.28 19.77 37.15
N PHE C 207 8.77 19.16 38.23
CA PHE C 207 10.16 18.75 38.38
C PHE C 207 10.19 17.26 38.67
N SER C 208 11.10 16.54 38.01
CA SER C 208 11.00 15.09 37.96
C SER C 208 11.32 14.41 39.29
N HIS C 209 12.34 14.87 40.00
CA HIS C 209 12.77 14.15 41.19
C HIS C 209 11.74 14.23 42.32
N PHE C 210 10.77 15.13 42.23
CA PHE C 210 9.68 15.20 43.19
C PHE C 210 8.57 14.20 42.90
N HIS C 211 8.51 13.67 41.68
CA HIS C 211 7.40 12.80 41.28
C HIS C 211 7.20 11.66 42.27
N GLY C 212 8.30 11.06 42.73
CA GLY C 212 8.19 9.93 43.64
C GLY C 212 7.39 10.28 44.88
N LEU C 213 7.66 11.43 45.48
CA LEU C 213 6.90 11.84 46.65
C LEU C 213 5.43 12.03 46.30
N ILE C 214 5.15 12.55 45.11
CA ILE C 214 3.77 12.66 44.64
C ILE C 214 3.11 11.29 44.57
N THR C 215 3.86 10.28 44.12
CA THR C 215 3.31 8.94 44.09
C THR C 215 3.37 8.25 45.44
N HIS C 216 4.01 8.86 46.45
CA HIS C 216 3.96 8.33 47.79
C HIS C 216 2.60 8.57 48.43
N TYR C 217 1.95 9.67 48.07
CA TYR C 217 0.64 10.01 48.59
C TYR C 217 -0.50 9.56 47.67
N LYS C 218 -0.18 8.86 46.58
CA LYS C 218 -1.18 8.33 45.65
C LYS C 218 -2.07 9.42 45.09
N ILE C 219 -1.49 10.60 44.83
CA ILE C 219 -2.25 11.74 44.35
C ILE C 219 -2.68 11.54 42.91
N GLY C 220 -1.86 10.87 42.11
CA GLY C 220 -2.27 10.54 40.75
C GLY C 220 -3.47 9.64 40.68
N ALA C 221 -3.73 8.87 41.74
CA ALA C 221 -4.92 8.02 41.78
C ALA C 221 -6.18 8.84 41.98
N LEU C 222 -6.14 9.82 42.90
CA LEU C 222 -7.31 10.66 43.13
C LEU C 222 -7.66 11.50 41.92
N CYS C 223 -6.69 11.87 41.10
CA CYS C 223 -6.97 12.70 39.94
C CYS C 223 -7.87 11.98 38.94
N MET C 224 -7.63 10.68 38.72
CA MET C 224 -8.49 9.92 37.82
C MET C 224 -9.92 9.82 38.36
N ASN C 225 -10.07 9.58 39.66
CA ASN C 225 -11.40 9.54 40.25
C ASN C 225 -12.12 10.87 40.08
N ILE C 226 -11.41 11.97 40.32
CA ILE C 226 -11.99 13.29 40.19
C ILE C 226 -12.41 13.55 38.75
N ILE C 227 -11.56 13.18 37.79
CA ILE C 227 -11.85 13.43 36.39
C ILE C 227 -13.08 12.65 35.96
N ASP C 228 -13.16 11.37 36.35
CA ASP C 228 -14.32 10.57 35.99
C ASP C 228 -15.59 11.12 36.62
N HIS C 229 -15.51 11.54 37.88
CA HIS C 229 -16.68 12.10 38.55
C HIS C 229 -17.16 13.36 37.84
N GLU C 230 -16.22 14.24 37.46
CA GLU C 230 -16.61 15.47 36.78
C GLU C 230 -17.20 15.19 35.41
N LEU C 231 -16.64 14.23 34.68
CA LEU C 231 -17.19 13.90 33.37
C LEU C 231 -18.62 13.35 33.50
N LYS C 232 -18.85 12.49 34.48
CA LYS C 232 -20.20 11.97 34.71
C LYS C 232 -21.17 13.08 35.09
N ARG C 233 -20.74 13.99 35.97
CA ARG C 233 -21.61 15.09 36.36
C ARG C 233 -21.93 15.99 35.19
N HIS C 234 -20.96 16.22 34.30
CA HIS C 234 -21.23 17.03 33.11
C HIS C 234 -22.25 16.36 32.21
N GLU C 235 -22.15 15.03 32.06
CA GLU C 235 -23.16 14.32 31.27
C GLU C 235 -24.54 14.45 31.90
N LEU C 236 -24.63 14.36 33.22
CA LEU C 236 -25.91 14.54 33.89
C LEU C 236 -26.47 15.94 33.66
N TRP C 237 -25.61 16.95 33.75
CA TRP C 237 -26.03 18.32 33.50
C TRP C 237 -26.54 18.49 32.08
N GLN C 238 -25.83 17.91 31.11
CA GLN C 238 -26.25 18.01 29.72
C GLN C 238 -27.60 17.34 29.49
N GLU C 239 -27.81 16.17 30.12
CA GLU C 239 -29.11 15.51 30.00
C GLU C 239 -30.22 16.35 30.61
N GLU C 240 -29.95 16.96 31.76
CA GLU C 240 -30.96 17.83 32.39
C GLU C 240 -31.28 19.02 31.50
N LEU C 241 -30.27 19.64 30.90
CA LEU C 241 -30.51 20.77 30.02
C LEU C 241 -31.31 20.35 28.79
N SER C 242 -30.97 19.20 28.21
CA SER C 242 -31.72 18.72 27.05
C SER C 242 -33.18 18.45 27.42
N LYS C 243 -33.42 17.89 28.60
CA LYS C 243 -34.79 17.70 29.06
C LYS C 243 -35.50 19.04 29.24
N LYS C 244 -34.79 20.04 29.75
CA LYS C 244 -35.34 21.38 29.90
C LYS C 244 -35.41 22.15 28.59
N LYS C 245 -35.00 21.55 27.48
CA LYS C 245 -35.14 22.16 26.17
C LYS C 245 -36.15 21.36 25.35
N LYS C 246 -37.28 21.01 25.98
CA LYS C 246 -38.32 20.25 25.32
C LYS C 246 -39.68 20.95 25.32
N ALA C 247 -39.87 22.00 26.12
CA ALA C 247 -41.15 22.69 26.20
C ALA C 247 -41.20 23.94 25.33
N VAL C 248 -40.51 23.92 24.19
CA VAL C 248 -40.51 25.06 23.28
C VAL C 248 -41.80 25.18 22.48
N ASP C 249 -42.77 24.29 22.73
CA ASP C 249 -44.02 24.33 21.98
C ASP C 249 -44.76 25.64 22.15
N GLU C 250 -44.81 26.16 23.38
CA GLU C 250 -45.48 27.42 23.66
C GLU C 250 -44.57 28.27 24.53
N ASP C 251 -44.37 29.52 24.13
CA ASP C 251 -43.51 30.44 24.87
C ASP C 251 -44.36 31.26 25.84
N LEU C 252 -43.95 31.26 27.11
CA LEU C 252 -44.66 32.04 28.12
C LEU C 252 -43.73 32.83 29.04
N GLU C 253 -42.42 32.66 28.94
CA GLU C 253 -41.45 33.41 29.76
C GLU C 253 -41.74 33.28 31.25
N ASN C 254 -42.05 32.06 31.68
CA ASN C 254 -42.33 31.77 33.08
C ASN C 254 -41.88 30.35 33.37
N GLN C 255 -42.41 29.76 34.43
CA GLN C 255 -41.97 28.43 34.85
C GLN C 255 -42.14 27.37 33.77
N THR C 256 -42.89 27.65 32.70
CA THR C 256 -43.03 26.68 31.62
C THR C 256 -41.69 26.47 30.91
N LEU C 257 -41.07 27.56 30.46
CA LEU C 257 -39.77 27.50 29.78
C LEU C 257 -39.18 28.91 29.73
N ARG C 258 -38.15 29.08 28.91
CA ARG C 258 -37.47 30.35 28.72
C ARG C 258 -36.85 30.85 30.02
N LYS C 259 -37.55 31.73 30.73
CA LYS C 259 -37.00 32.40 31.90
C LYS C 259 -36.27 31.44 32.83
N ASP C 260 -36.99 30.47 33.39
CA ASP C 260 -36.37 29.53 34.31
C ASP C 260 -35.21 28.80 33.66
N TYR C 261 -35.41 28.36 32.41
CA TYR C 261 -34.32 27.73 31.67
C TYR C 261 -33.09 28.62 31.65
N ASP C 262 -33.28 29.89 31.30
CA ASP C 262 -32.15 30.82 31.29
C ASP C 262 -31.42 30.77 32.62
N LYS C 263 -32.17 30.83 33.73
CA LYS C 263 -31.57 30.73 35.04
C LYS C 263 -30.65 29.53 35.13
N THR C 264 -31.20 28.33 34.90
CA THR C 264 -30.36 27.15 35.06
C THR C 264 -29.20 27.16 34.07
N PHE C 265 -29.44 27.69 32.87
CA PHE C 265 -28.36 27.80 31.90
C PHE C 265 -27.20 28.59 32.48
N LYS C 266 -27.50 29.75 33.06
CA LYS C 266 -26.45 30.54 33.70
C LYS C 266 -25.74 29.70 34.74
N LYS C 267 -26.51 29.01 35.59
CA LYS C 267 -25.90 28.18 36.61
C LYS C 267 -24.95 27.17 35.98
N TYR C 268 -25.38 26.55 34.88
CA TYR C 268 -24.54 25.60 34.19
C TYR C 268 -23.18 26.20 33.87
N GLN C 269 -23.17 27.37 33.24
CA GLN C 269 -21.90 28.02 32.94
C GLN C 269 -21.10 28.24 34.21
N GLY C 270 -21.75 28.82 35.22
CA GLY C 270 -21.05 29.14 36.45
C GLY C 270 -20.43 27.94 37.11
N LEU C 271 -20.89 26.74 36.77
CA LEU C 271 -20.24 25.55 37.28
C LEU C 271 -19.18 25.06 36.32
N VAL C 272 -19.53 24.94 35.04
CA VAL C 272 -18.68 24.21 34.10
C VAL C 272 -17.30 24.86 34.03
N VAL C 273 -17.26 26.19 33.91
CA VAL C 273 -16.00 26.90 33.89
C VAL C 273 -15.10 26.41 35.02
N LYS C 274 -15.59 26.49 36.25
CA LYS C 274 -14.79 26.08 37.39
C LYS C 274 -14.30 24.65 37.22
N GLN C 275 -15.24 23.75 36.91
CA GLN C 275 -14.88 22.35 36.74
C GLN C 275 -13.79 22.19 35.70
N GLU C 276 -13.93 22.90 34.58
CA GLU C 276 -12.95 22.76 33.50
C GLU C 276 -11.57 23.12 34.00
N GLN C 277 -11.47 24.21 34.77
CA GLN C 277 -10.17 24.58 35.34
C GLN C 277 -9.58 23.39 36.07
N LEU C 278 -10.36 22.81 36.99
CA LEU C 278 -9.90 21.65 37.73
C LEU C 278 -9.40 20.58 36.78
N LEU C 279 -10.24 20.20 35.80
CA LEU C 279 -9.85 19.15 34.87
C LEU C 279 -8.50 19.47 34.28
N ARG C 280 -8.36 20.69 33.75
CA ARG C 280 -7.11 21.08 33.10
C ARG C 280 -5.94 20.74 33.99
N VAL C 281 -5.93 21.34 35.18
CA VAL C 281 -4.73 21.23 36.00
C VAL C 281 -4.53 19.79 36.44
N ALA C 282 -5.63 19.08 36.72
CA ALA C 282 -5.51 17.67 37.09
C ALA C 282 -4.85 16.89 35.98
N LEU C 283 -5.35 17.06 34.75
CA LEU C 283 -4.76 16.37 33.61
C LEU C 283 -3.29 16.73 33.48
N TYR C 284 -2.95 17.99 33.72
CA TYR C 284 -1.56 18.40 33.60
C TYR C 284 -0.69 17.57 34.53
N LEU C 285 -1.13 17.41 35.78
CA LEU C 285 -0.39 16.57 36.71
C LEU C 285 -0.15 15.20 36.11
N LEU C 286 -1.22 14.57 35.62
CA LEU C 286 -1.09 13.22 35.07
C LEU C 286 -0.14 13.22 33.89
N LEU C 287 -0.21 14.23 33.03
CA LEU C 287 0.69 14.30 31.90
C LEU C 287 2.14 14.32 32.38
N ASN C 288 2.43 15.14 33.39
CA ASN C 288 3.77 15.17 33.93
C ASN C 288 4.15 13.82 34.51
N LEU C 289 3.19 13.13 35.12
CA LEU C 289 3.45 11.82 35.69
C LEU C 289 3.54 10.73 34.63
N ALA C 290 3.15 11.01 33.39
CA ALA C 290 3.21 10.01 32.34
C ALA C 290 4.58 9.92 31.70
N GLU C 291 5.53 10.77 32.10
CA GLU C 291 6.88 10.69 31.59
C GLU C 291 7.57 9.40 31.98
N ASP C 292 7.06 8.71 32.99
CA ASP C 292 7.56 7.39 33.37
C ASP C 292 6.66 6.33 32.77
N THR C 293 7.29 5.32 32.14
CA THR C 293 6.53 4.30 31.42
C THR C 293 5.67 3.47 32.36
N ARG C 294 6.18 3.16 33.55
CA ARG C 294 5.40 2.39 34.52
C ARG C 294 4.14 3.15 34.93
N THR C 295 4.28 4.44 35.23
CA THR C 295 3.13 5.22 35.67
C THR C 295 2.14 5.40 34.53
N GLU C 296 2.63 5.55 33.30
CA GLU C 296 1.74 5.59 32.14
C GLU C 296 0.99 4.27 31.99
N LEU C 297 1.66 3.15 32.24
CA LEU C 297 0.98 1.85 32.20
C LEU C 297 -0.11 1.76 33.26
N LYS C 298 0.16 2.26 34.46
CA LYS C 298 -0.86 2.27 35.50
C LYS C 298 -2.03 3.17 35.11
N MET C 299 -1.75 4.30 34.48
CA MET C 299 -2.83 5.17 34.01
C MET C 299 -3.68 4.48 32.95
N ARG C 300 -3.05 3.87 31.95
CA ARG C 300 -3.79 3.23 30.89
C ARG C 300 -4.57 2.01 31.39
N ASN C 301 -4.06 1.31 32.40
CA ASN C 301 -4.81 0.22 32.99
C ASN C 301 -6.06 0.70 33.70
N LYS C 302 -6.19 2.00 33.94
CA LYS C 302 -7.38 2.58 34.56
C LYS C 302 -8.24 3.36 33.57
N ASN C 303 -8.11 3.06 32.27
CA ASN C 303 -8.94 3.66 31.23
C ASN C 303 -8.81 5.18 31.20
N ILE C 304 -7.58 5.65 30.97
CA ILE C 304 -7.37 7.08 30.83
C ILE C 304 -7.77 7.56 29.45
N VAL C 305 -7.65 6.70 28.44
CA VAL C 305 -7.98 7.10 27.08
C VAL C 305 -9.47 7.35 26.95
N HIS C 306 -10.29 6.55 27.65
CA HIS C 306 -11.72 6.78 27.65
C HIS C 306 -12.06 8.16 28.18
N MET C 307 -11.41 8.56 29.28
CA MET C 307 -11.62 9.89 29.83
C MET C 307 -11.18 10.97 28.86
N LEU C 308 -10.04 10.77 28.19
CA LEU C 308 -9.56 11.80 27.27
C LEU C 308 -10.49 11.96 26.07
N VAL C 309 -10.96 10.85 25.50
CA VAL C 309 -11.89 10.95 24.38
C VAL C 309 -13.21 11.57 24.81
N LYS C 310 -13.68 11.26 26.02
CA LYS C 310 -14.88 11.93 26.51
C LYS C 310 -14.65 13.43 26.70
N ALA C 311 -13.48 13.81 27.20
CA ALA C 311 -13.16 15.21 27.41
C ALA C 311 -12.97 15.97 26.10
N LEU C 312 -12.74 15.25 25.00
CA LEU C 312 -12.65 15.91 23.70
C LEU C 312 -13.92 16.66 23.34
N ASP C 313 -15.06 16.31 23.93
CA ASP C 313 -16.33 16.92 23.53
C ASP C 313 -16.49 18.34 24.05
N ARG C 314 -15.64 18.79 24.97
CA ARG C 314 -15.78 20.10 25.56
C ARG C 314 -15.27 21.18 24.62
N ASP C 315 -15.67 22.42 24.90
CA ASP C 315 -15.30 23.58 24.09
C ASP C 315 -14.42 24.48 24.95
N ASN C 316 -13.12 24.18 24.97
CA ASN C 316 -12.14 24.97 25.70
C ASN C 316 -10.79 24.75 25.04
N PHE C 317 -10.11 25.85 24.71
CA PHE C 317 -8.89 25.76 23.92
C PHE C 317 -7.77 25.07 24.70
N GLU C 318 -7.49 25.55 25.92
CA GLU C 318 -6.37 24.99 26.67
C GLU C 318 -6.63 23.55 27.09
N LEU C 319 -7.86 23.24 27.51
CA LEU C 319 -8.18 21.87 27.87
C LEU C 319 -8.05 20.94 26.69
N LEU C 320 -8.49 21.39 25.51
CA LEU C 320 -8.33 20.56 24.32
C LEU C 320 -6.86 20.38 23.95
N ILE C 321 -6.05 21.44 24.12
CA ILE C 321 -4.61 21.29 23.91
C ILE C 321 -4.07 20.18 24.80
N LEU C 322 -4.42 20.23 26.08
CA LEU C 322 -3.91 19.23 27.02
C LEU C 322 -4.37 17.82 26.66
N VAL C 323 -5.64 17.67 26.32
CA VAL C 323 -6.18 16.35 26.01
C VAL C 323 -5.54 15.78 24.76
N VAL C 324 -5.42 16.61 23.71
CA VAL C 324 -4.86 16.12 22.46
C VAL C 324 -3.37 15.82 22.61
N SER C 325 -2.65 16.61 23.40
CA SER C 325 -1.24 16.30 23.67
C SER C 325 -1.10 14.99 24.43
N PHE C 326 -1.96 14.78 25.43
CA PHE C 326 -1.95 13.51 26.15
C PHE C 326 -2.24 12.34 25.23
N LEU C 327 -3.22 12.51 24.33
CA LEU C 327 -3.55 11.44 23.39
C LEU C 327 -2.39 11.17 22.43
N LYS C 328 -1.72 12.22 21.96
CA LYS C 328 -0.59 12.03 21.06
C LYS C 328 0.57 11.33 21.76
N LYS C 329 0.79 11.66 23.03
CA LYS C 329 1.79 10.95 23.81
C LYS C 329 1.42 9.48 23.98
N LEU C 330 0.15 9.19 24.24
CA LEU C 330 -0.26 7.81 24.49
C LEU C 330 -0.29 6.97 23.22
N SER C 331 -0.61 7.58 22.08
CA SER C 331 -0.92 6.85 20.86
C SER C 331 0.29 6.15 20.25
N ILE C 332 1.50 6.44 20.72
CA ILE C 332 2.65 5.75 20.16
C ILE C 332 2.64 4.27 20.53
N PHE C 333 1.87 3.91 21.55
CA PHE C 333 1.76 2.52 21.98
C PHE C 333 0.57 1.83 21.32
N MET C 334 0.68 0.52 21.17
CA MET C 334 -0.32 -0.24 20.43
C MET C 334 -1.63 -0.35 21.21
N GLU C 335 -1.54 -0.64 22.51
CA GLU C 335 -2.73 -0.83 23.32
C GLU C 335 -3.53 0.45 23.49
N ASN C 336 -2.87 1.58 23.70
CA ASN C 336 -3.55 2.88 23.76
C ASN C 336 -4.22 3.21 22.43
N LYS C 337 -3.55 2.93 21.32
CA LYS C 337 -4.14 3.15 20.01
C LYS C 337 -5.37 2.28 19.81
N ASN C 338 -5.30 1.02 20.26
CA ASN C 338 -6.46 0.14 20.15
C ASN C 338 -7.61 0.62 21.02
N ASP C 339 -7.28 1.16 22.20
CA ASP C 339 -8.32 1.74 23.06
C ASP C 339 -9.01 2.90 22.37
N MET C 340 -8.26 3.77 21.72
CA MET C 340 -8.89 4.89 21.03
C MET C 340 -9.42 4.52 19.66
N VAL C 341 -9.22 3.28 19.21
CA VAL C 341 -9.87 2.82 17.98
C VAL C 341 -11.34 2.51 18.25
N GLU C 342 -11.62 1.80 19.35
CA GLU C 342 -13.00 1.43 19.65
C GLU C 342 -13.82 2.63 20.10
N MET C 343 -13.22 3.52 20.88
CA MET C 343 -13.85 4.79 21.26
C MET C 343 -13.53 5.77 20.13
N ASP C 344 -14.44 5.88 19.18
CA ASP C 344 -14.19 6.57 17.92
C ASP C 344 -13.57 7.94 18.14
N ILE C 345 -12.38 8.14 17.60
CA ILE C 345 -11.59 9.32 17.93
C ILE C 345 -11.49 10.26 16.75
N VAL C 346 -11.56 9.71 15.53
CA VAL C 346 -11.48 10.56 14.33
C VAL C 346 -12.74 11.42 14.21
N GLU C 347 -13.88 10.86 14.58
CA GLU C 347 -15.13 11.62 14.56
C GLU C 347 -15.10 12.79 15.52
N LYS C 348 -14.23 12.75 16.53
CA LYS C 348 -14.07 13.86 17.45
C LYS C 348 -12.90 14.76 17.08
N LEU C 349 -12.10 14.38 16.08
CA LEU C 349 -11.01 15.24 15.63
C LEU C 349 -11.38 16.01 14.37
N VAL C 350 -12.35 15.52 13.60
CA VAL C 350 -12.82 16.25 12.43
C VAL C 350 -13.44 17.58 12.85
N LYS C 351 -14.11 17.59 14.00
CA LYS C 351 -14.73 18.83 14.48
C LYS C 351 -13.70 19.82 14.98
N MET C 352 -12.43 19.43 15.10
CA MET C 352 -11.38 20.32 15.56
C MET C 352 -10.32 20.60 14.50
N ILE C 353 -10.35 19.90 13.37
CA ILE C 353 -9.32 20.13 12.34
C ILE C 353 -9.35 21.54 11.76
N PRO C 354 -10.53 22.17 11.46
CA PRO C 354 -10.48 23.49 10.84
C PRO C 354 -10.44 24.62 11.85
N CYS C 355 -10.06 24.30 13.08
CA CYS C 355 -10.21 25.23 14.20
C CYS C 355 -9.37 26.50 14.00
N GLU C 356 -9.73 27.53 14.76
CA GLU C 356 -9.08 28.83 14.67
C GLU C 356 -7.84 28.95 15.55
N HIS C 357 -7.62 28.02 16.48
CA HIS C 357 -6.41 28.03 17.29
C HIS C 357 -5.26 27.41 16.52
N GLU C 358 -4.07 27.97 16.71
CA GLU C 358 -2.91 27.57 15.93
C GLU C 358 -2.25 26.32 16.51
N ASP C 359 -2.09 26.28 17.84
CA ASP C 359 -1.44 25.13 18.48
C ASP C 359 -2.34 23.91 18.51
N LEU C 360 -3.65 24.12 18.68
CA LEU C 360 -4.58 23.00 18.69
C LEU C 360 -4.57 22.28 17.35
N LEU C 361 -4.56 23.04 16.25
CA LEU C 361 -4.51 22.42 14.93
C LEU C 361 -3.22 21.63 14.75
N ASN C 362 -2.10 22.19 15.19
CA ASN C 362 -0.82 21.49 15.08
C ASN C 362 -0.84 20.17 15.82
N ILE C 363 -1.25 20.20 17.10
CA ILE C 363 -1.20 18.98 17.90
C ILE C 363 -2.21 17.95 17.40
N THR C 364 -3.39 18.40 16.93
CA THR C 364 -4.34 17.46 16.36
C THR C 364 -3.78 16.81 15.10
N LEU C 365 -3.06 17.58 14.27
CA LEU C 365 -2.45 17.00 13.08
C LEU C 365 -1.37 15.99 13.43
N ARG C 366 -0.57 16.27 14.46
CA ARG C 366 0.43 15.30 14.89
C ARG C 366 -0.24 14.02 15.39
N LEU C 367 -1.33 14.15 16.14
CA LEU C 367 -2.07 12.97 16.59
C LEU C 367 -2.65 12.20 15.41
N LEU C 368 -3.17 12.91 14.42
CA LEU C 368 -3.68 12.25 13.22
C LEU C 368 -2.58 11.50 12.48
N LEU C 369 -1.40 12.10 12.39
CA LEU C 369 -0.28 11.41 11.75
C LEU C 369 0.07 10.14 12.50
N ASN C 370 0.08 10.20 13.84
CA ASN C 370 0.37 9.00 14.61
C ASN C 370 -0.70 7.93 14.41
N LEU C 371 -1.96 8.35 14.32
CA LEU C 371 -3.05 7.39 14.12
C LEU C 371 -3.12 6.86 12.70
N SER C 372 -2.55 7.58 11.72
CA SER C 372 -2.62 7.15 10.33
C SER C 372 -1.72 5.98 10.01
N PHE C 373 -1.06 5.39 11.00
CA PHE C 373 -0.33 4.15 10.79
C PHE C 373 -1.21 2.92 10.87
N ASP C 374 -2.48 3.09 11.25
CA ASP C 374 -3.45 2.00 11.33
C ASP C 374 -4.37 2.05 10.13
N THR C 375 -4.66 0.87 9.56
CA THR C 375 -5.49 0.81 8.37
C THR C 375 -6.93 1.20 8.67
N GLY C 376 -7.46 0.77 9.81
CA GLY C 376 -8.84 1.08 10.14
C GLY C 376 -9.07 2.57 10.34
N LEU C 377 -8.18 3.21 11.11
CA LEU C 377 -8.30 4.65 11.31
C LEU C 377 -8.11 5.40 10.00
N ARG C 378 -7.19 4.94 9.17
CA ARG C 378 -7.00 5.56 7.85
C ARG C 378 -8.27 5.48 7.02
N ASN C 379 -8.92 4.32 7.00
CA ASN C 379 -10.18 4.19 6.27
C ASN C 379 -11.26 5.07 6.87
N LYS C 380 -11.27 5.24 8.20
CA LYS C 380 -12.26 6.10 8.82
C LYS C 380 -12.06 7.56 8.45
N MET C 381 -10.81 7.99 8.29
CA MET C 381 -10.56 9.40 7.97
C MET C 381 -11.22 9.81 6.66
N VAL C 382 -11.21 8.92 5.67
CA VAL C 382 -11.80 9.26 4.38
C VAL C 382 -13.32 9.21 4.46
N GLN C 383 -13.88 8.33 5.31
CA GLN C 383 -15.32 8.28 5.49
C GLN C 383 -15.84 9.55 6.15
N VAL C 384 -15.12 10.06 7.15
CA VAL C 384 -15.56 11.27 7.84
C VAL C 384 -15.27 12.55 7.06
N GLY C 385 -14.61 12.45 5.91
CA GLY C 385 -14.38 13.62 5.10
C GLY C 385 -13.17 14.43 5.46
N LEU C 386 -12.04 13.78 5.75
CA LEU C 386 -10.83 14.50 6.13
C LEU C 386 -9.98 14.92 4.95
N LEU C 387 -10.20 14.34 3.78
CA LEU C 387 -9.39 14.68 2.61
C LEU C 387 -9.52 16.14 2.20
N PRO C 388 -10.73 16.69 1.98
CA PRO C 388 -10.80 18.12 1.59
C PRO C 388 -10.25 19.05 2.64
N LYS C 389 -10.47 18.75 3.93
CA LYS C 389 -9.95 19.60 4.99
C LYS C 389 -8.42 19.57 5.01
N LEU C 390 -7.84 18.38 4.88
CA LEU C 390 -6.38 18.26 4.90
C LEU C 390 -5.77 18.95 3.69
N THR C 391 -6.44 18.90 2.54
CA THR C 391 -5.88 19.57 1.37
C THR C 391 -6.07 21.08 1.45
N ALA C 392 -7.13 21.55 2.10
CA ALA C 392 -7.23 22.98 2.39
C ALA C 392 -6.11 23.42 3.32
N LEU C 393 -5.72 22.54 4.25
CA LEU C 393 -4.54 22.80 5.08
C LEU C 393 -3.25 22.77 4.27
N LEU C 394 -3.30 22.26 3.04
CA LEU C 394 -2.10 22.12 2.23
C LEU C 394 -1.79 23.37 1.42
N GLY C 395 -2.69 24.34 1.39
CA GLY C 395 -2.52 25.47 0.50
C GLY C 395 -1.31 26.32 0.79
N ASN C 396 -1.34 27.06 1.90
CA ASN C 396 -0.17 27.80 2.34
C ASN C 396 -0.35 28.11 3.83
N GLU C 397 0.24 27.29 4.69
CA GLU C 397 0.15 27.49 6.14
C GLU C 397 1.44 26.98 6.77
N ASN C 398 1.40 26.76 8.07
CA ASN C 398 2.45 26.10 8.82
C ASN C 398 2.18 24.61 8.99
N TYR C 399 1.25 24.06 8.21
CA TYR C 399 0.84 22.67 8.33
C TYR C 399 1.02 21.89 7.04
N LYS C 400 1.82 22.42 6.11
CA LYS C 400 2.02 21.73 4.84
C LYS C 400 2.67 20.37 5.05
N GLN C 401 3.67 20.29 5.92
CA GLN C 401 4.42 19.05 6.11
C GLN C 401 3.55 17.98 6.73
N ILE C 402 2.87 18.29 7.83
CA ILE C 402 2.12 17.26 8.55
C ILE C 402 0.88 16.84 7.75
N ALA C 403 0.18 17.80 7.17
CA ALA C 403 -0.97 17.46 6.33
C ALA C 403 -0.54 16.62 5.13
N MET C 404 0.60 16.98 4.53
CA MET C 404 1.15 16.21 3.42
C MET C 404 1.52 14.80 3.86
N CYS C 405 2.05 14.64 5.07
CA CYS C 405 2.38 13.31 5.58
C CYS C 405 1.12 12.47 5.78
N VAL C 406 0.08 13.05 6.36
CA VAL C 406 -1.16 12.31 6.56
C VAL C 406 -1.78 11.94 5.21
N LEU C 407 -1.76 12.88 4.25
CA LEU C 407 -2.29 12.59 2.92
C LEU C 407 -1.48 11.51 2.23
N TYR C 408 -0.16 11.53 2.40
CA TYR C 408 0.69 10.49 1.84
C TYR C 408 0.33 9.13 2.41
N HIS C 409 0.11 9.05 3.72
CA HIS C 409 -0.27 7.78 4.32
C HIS C 409 -1.63 7.33 3.83
N ILE C 410 -2.56 8.29 3.64
CA ILE C 410 -3.88 7.96 3.12
C ILE C 410 -3.78 7.40 1.70
N SER C 411 -2.90 7.98 0.88
CA SER C 411 -2.84 7.64 -0.53
C SER C 411 -2.11 6.33 -0.81
N MET C 412 -1.48 5.70 0.20
CA MET C 412 -0.86 4.41 -0.04
C MET C 412 -1.87 3.32 -0.34
N ASP C 413 -3.15 3.58 -0.09
CA ASP C 413 -4.22 2.63 -0.41
C ASP C 413 -4.84 3.01 -1.75
N ASP C 414 -5.04 2.01 -2.61
CA ASP C 414 -5.28 2.27 -4.02
C ASP C 414 -6.62 2.92 -4.29
N ARG C 415 -7.67 2.54 -3.56
CA ARG C 415 -8.99 3.11 -3.84
C ARG C 415 -9.12 4.55 -3.35
N PHE C 416 -8.18 5.03 -2.54
CA PHE C 416 -8.18 6.41 -2.09
C PHE C 416 -7.36 7.33 -2.98
N LYS C 417 -6.63 6.80 -3.95
CA LYS C 417 -5.88 7.66 -4.86
C LYS C 417 -6.81 8.42 -5.79
N SER C 418 -7.88 7.77 -6.24
CA SER C 418 -8.77 8.39 -7.23
C SER C 418 -9.45 9.64 -6.66
N MET C 419 -9.85 9.59 -5.39
CA MET C 419 -10.60 10.69 -4.80
C MET C 419 -9.76 11.94 -4.61
N PHE C 420 -8.44 11.88 -4.81
CA PHE C 420 -7.64 13.10 -4.84
C PHE C 420 -7.86 13.91 -6.10
N ALA C 421 -8.38 13.27 -7.16
CA ALA C 421 -8.70 14.02 -8.39
C ALA C 421 -10.11 14.59 -8.25
N TYR C 422 -10.92 13.93 -7.41
CA TYR C 422 -12.34 14.36 -7.27
C TYR C 422 -12.36 15.61 -6.41
N THR C 423 -12.31 16.78 -7.05
CA THR C 423 -12.36 18.10 -6.33
C THR C 423 -11.12 18.33 -5.48
N ASP C 424 -10.65 17.32 -4.74
CA ASP C 424 -9.39 17.50 -3.97
C ASP C 424 -8.41 18.28 -4.86
N CYS C 425 -7.91 19.42 -4.37
CA CYS C 425 -7.07 20.29 -5.23
C CYS C 425 -5.63 19.77 -5.38
N ILE C 426 -5.36 19.01 -6.43
CA ILE C 426 -3.96 18.55 -6.72
C ILE C 426 -3.25 19.54 -7.66
N PRO C 427 -3.90 20.39 -8.50
CA PRO C 427 -3.19 21.43 -9.27
C PRO C 427 -2.23 22.19 -8.36
N GLN C 428 -2.70 22.57 -7.16
CA GLN C 428 -1.83 23.28 -6.19
C GLN C 428 -0.58 22.43 -5.92
N LEU C 429 -0.73 21.10 -5.94
CA LEU C 429 0.41 20.23 -5.65
C LEU C 429 1.47 20.31 -6.74
N MET C 430 1.04 20.53 -7.98
CA MET C 430 1.99 20.79 -9.06
C MET C 430 2.72 22.11 -8.83
N LYS C 431 2.00 23.14 -8.37
CA LYS C 431 2.62 24.43 -8.13
C LYS C 431 3.72 24.33 -7.08
N MET C 432 3.47 23.58 -6.01
CA MET C 432 4.51 23.34 -5.01
C MET C 432 5.69 22.61 -5.61
N LEU C 433 5.45 21.76 -6.61
CA LEU C 433 6.55 21.02 -7.24
C LEU C 433 7.41 21.93 -8.10
N PHE C 434 6.79 22.82 -8.87
CA PHE C 434 7.49 23.67 -9.81
C PHE C 434 8.20 24.85 -9.15
N GLU C 435 7.62 25.44 -8.11
CA GLU C 435 8.19 26.60 -7.45
C GLU C 435 9.35 26.25 -6.54
N CYS C 436 9.36 25.03 -5.99
CA CYS C 436 10.34 24.64 -4.98
C CYS C 436 11.71 24.55 -5.62
N SER C 437 12.53 25.58 -5.45
CA SER C 437 13.80 25.71 -6.14
C SER C 437 14.93 25.19 -5.26
N ASP C 438 15.48 24.04 -5.65
CA ASP C 438 16.61 23.41 -4.97
C ASP C 438 17.13 22.31 -5.87
N GLU C 439 18.32 21.79 -5.52
CA GLU C 439 18.86 20.66 -6.26
C GLU C 439 17.97 19.43 -6.13
N ARG C 440 17.46 19.19 -4.93
CA ARG C 440 16.58 18.05 -4.65
C ARG C 440 15.23 18.57 -4.20
N ILE C 441 14.18 17.89 -4.62
CA ILE C 441 12.83 18.18 -4.16
C ILE C 441 12.61 17.46 -2.84
N ASP C 442 11.91 18.10 -1.91
CA ASP C 442 11.70 17.54 -0.59
C ASP C 442 11.01 16.18 -0.69
N LEU C 443 11.38 15.28 0.22
CA LEU C 443 10.98 13.89 0.10
C LEU C 443 9.48 13.72 0.30
N GLU C 444 8.88 14.49 1.21
CA GLU C 444 7.45 14.32 1.47
C GLU C 444 6.61 14.63 0.23
N LEU C 445 6.86 15.80 -0.38
CA LEU C 445 6.08 16.22 -1.54
C LEU C 445 6.30 15.27 -2.71
N ILE C 446 7.55 14.89 -2.96
CA ILE C 446 7.82 14.03 -4.10
C ILE C 446 7.24 12.64 -3.89
N SER C 447 7.26 12.15 -2.65
CA SER C 447 6.67 10.85 -2.36
C SER C 447 5.16 10.88 -2.57
N PHE C 448 4.50 11.93 -2.09
CA PHE C 448 3.06 12.06 -2.29
C PHE C 448 2.73 12.17 -3.77
N CYS C 449 3.52 12.92 -4.53
CA CYS C 449 3.30 13.05 -5.97
C CYS C 449 3.50 11.73 -6.69
N ILE C 450 4.53 10.97 -6.30
CA ILE C 450 4.77 9.66 -6.90
C ILE C 450 3.60 8.73 -6.64
N ASN C 451 3.08 8.75 -5.41
CA ASN C 451 1.91 7.93 -5.09
C ASN C 451 0.70 8.36 -5.90
N LEU C 452 0.50 9.67 -6.06
CA LEU C 452 -0.65 10.15 -6.83
C LEU C 452 -0.53 9.79 -8.30
N ALA C 453 0.69 9.73 -8.83
CA ALA C 453 0.88 9.48 -10.25
C ALA C 453 0.54 8.06 -10.66
N ALA C 454 0.28 7.17 -9.71
CA ALA C 454 -0.07 5.78 -10.01
C ALA C 454 -1.51 5.60 -10.47
N ASN C 455 -2.31 6.65 -10.43
CA ASN C 455 -3.71 6.59 -10.86
C ASN C 455 -3.86 7.33 -12.18
N LYS C 456 -4.57 6.70 -13.13
CA LYS C 456 -4.76 7.33 -14.43
C LYS C 456 -5.61 8.59 -14.31
N ARG C 457 -6.62 8.57 -13.46
CA ARG C 457 -7.47 9.75 -13.26
C ARG C 457 -6.65 10.92 -12.74
N ASN C 458 -5.75 10.67 -11.79
CA ASN C 458 -4.86 11.72 -11.32
C ASN C 458 -3.88 12.14 -12.41
N VAL C 459 -3.44 11.20 -13.24
CA VAL C 459 -2.47 11.51 -14.29
C VAL C 459 -3.08 12.44 -15.32
N GLN C 460 -4.38 12.29 -15.60
CA GLN C 460 -5.03 13.23 -16.50
C GLN C 460 -5.01 14.64 -15.93
N LEU C 461 -5.11 14.77 -14.61
CA LEU C 461 -5.07 16.09 -13.98
C LEU C 461 -3.65 16.64 -13.97
N ILE C 462 -2.66 15.78 -13.78
CA ILE C 462 -1.26 16.22 -13.76
C ILE C 462 -0.85 16.74 -15.13
N CYS C 463 -1.24 16.05 -16.20
CA CYS C 463 -0.79 16.33 -17.54
C CYS C 463 -1.71 17.24 -18.32
N GLU C 464 -2.27 18.23 -17.61
CA GLU C 464 -3.27 19.12 -18.24
C GLU C 464 -2.57 20.41 -18.66
N GLY C 465 -2.91 20.93 -19.86
CA GLY C 465 -2.24 22.13 -20.38
C GLY C 465 -0.78 21.85 -20.61
N ASN C 466 0.09 22.32 -19.70
CA ASN C 466 1.54 21.99 -19.80
C ASN C 466 1.97 21.57 -18.41
N GLY C 467 1.94 20.28 -18.12
CA GLY C 467 2.26 19.74 -16.80
C GLY C 467 3.33 18.73 -16.94
N LEU C 468 3.18 17.86 -17.93
CA LEU C 468 4.27 16.92 -18.23
C LEU C 468 5.49 17.65 -18.79
N LYS C 469 5.26 18.67 -19.61
CA LYS C 469 6.37 19.39 -20.22
C LYS C 469 7.27 20.02 -19.17
N MET C 470 6.68 20.73 -18.21
CA MET C 470 7.47 21.38 -17.18
C MET C 470 8.18 20.37 -16.30
N LEU C 471 7.48 19.29 -15.94
CA LEU C 471 8.07 18.24 -15.10
C LEU C 471 9.28 17.62 -15.80
N MET C 472 9.12 17.31 -17.09
CA MET C 472 10.20 16.74 -17.87
C MET C 472 11.38 17.70 -17.98
N LYS C 473 11.09 18.97 -18.26
CA LYS C 473 12.14 19.97 -18.39
C LYS C 473 12.94 20.09 -17.10
N ARG C 474 12.24 20.10 -15.95
CA ARG C 474 12.91 20.23 -14.67
C ARG C 474 13.74 19.00 -14.34
N ALA C 475 13.19 17.80 -14.57
CA ALA C 475 13.94 16.58 -14.27
C ALA C 475 15.13 16.39 -15.21
N LEU C 476 15.07 16.92 -16.43
CA LEU C 476 16.24 16.88 -17.30
C LEU C 476 17.29 17.88 -16.86
N LYS C 477 16.86 19.09 -16.48
CA LYS C 477 17.80 20.10 -16.01
C LYS C 477 18.51 19.64 -14.75
N LEU C 478 17.76 19.40 -13.68
CA LEU C 478 18.31 18.86 -12.45
C LEU C 478 18.04 17.36 -12.41
N LYS C 479 19.10 16.58 -12.25
CA LYS C 479 18.99 15.12 -12.27
C LYS C 479 18.36 14.69 -10.95
N ASP C 480 17.02 14.64 -10.94
CA ASP C 480 16.29 14.23 -9.76
C ASP C 480 15.73 12.84 -9.98
N PRO C 481 16.29 11.80 -9.36
CA PRO C 481 15.74 10.45 -9.55
C PRO C 481 14.30 10.31 -9.09
N LEU C 482 13.89 11.03 -8.04
CA LEU C 482 12.53 10.88 -7.55
C LEU C 482 11.51 11.53 -8.49
N LEU C 483 11.85 12.68 -9.04
CA LEU C 483 11.01 13.27 -10.08
C LEU C 483 10.91 12.35 -11.29
N MET C 484 12.01 11.68 -11.64
CA MET C 484 11.97 10.72 -12.72
C MET C 484 11.11 9.50 -12.37
N LYS C 485 11.06 9.12 -11.08
CA LYS C 485 10.13 8.09 -10.66
C LYS C 485 8.69 8.52 -10.90
N MET C 486 8.38 9.77 -10.56
CA MET C 486 7.05 10.31 -10.83
C MET C 486 6.73 10.27 -12.32
N ILE C 487 7.71 10.65 -13.15
CA ILE C 487 7.49 10.66 -14.60
C ILE C 487 7.28 9.23 -15.12
N ARG C 488 8.02 8.27 -14.59
CA ARG C 488 7.85 6.88 -14.97
C ARG C 488 6.45 6.38 -14.62
N ASN C 489 6.00 6.73 -13.42
CA ASN C 489 4.64 6.36 -13.00
C ASN C 489 3.60 6.99 -13.91
N ILE C 490 3.84 8.23 -14.34
CA ILE C 490 2.93 8.85 -15.30
C ILE C 490 2.93 8.08 -16.62
N SER C 491 4.11 7.70 -17.10
CA SER C 491 4.22 7.02 -18.39
C SER C 491 3.67 5.60 -18.37
N GLN C 492 3.45 5.03 -17.18
CA GLN C 492 2.93 3.67 -17.12
C GLN C 492 1.52 3.53 -17.70
N HIS C 493 0.79 4.62 -17.90
CA HIS C 493 -0.61 4.57 -18.33
C HIS C 493 -0.72 4.76 -19.84
N ASP C 494 -1.81 4.24 -20.40
CA ASP C 494 -1.95 4.02 -21.84
C ASP C 494 -3.08 4.84 -22.45
N GLY C 495 -3.20 6.11 -22.08
CA GLY C 495 -4.12 7.01 -22.73
C GLY C 495 -3.39 7.94 -23.68
N PRO C 496 -3.96 9.12 -23.91
CA PRO C 496 -3.21 10.17 -24.64
C PRO C 496 -1.97 10.64 -23.91
N THR C 497 -1.89 10.42 -22.59
CA THR C 497 -0.71 10.80 -21.84
C THR C 497 0.52 10.07 -22.34
N LYS C 498 0.35 8.83 -22.80
CA LYS C 498 1.47 8.12 -23.42
C LYS C 498 1.89 8.79 -24.72
N ASN C 499 0.93 9.27 -25.50
CA ASN C 499 1.26 9.96 -26.74
C ASN C 499 1.89 11.32 -26.47
N LEU C 500 1.77 11.82 -25.25
CA LEU C 500 2.43 13.07 -24.87
C LEU C 500 3.95 12.93 -24.73
N PHE C 501 4.48 11.71 -24.79
CA PHE C 501 5.89 11.44 -24.50
C PHE C 501 6.75 11.37 -25.76
N ILE C 502 6.20 11.61 -26.94
CA ILE C 502 6.95 11.44 -28.18
C ILE C 502 8.09 12.46 -28.27
N ASP C 503 7.92 13.63 -27.67
CA ASP C 503 8.93 14.68 -27.77
C ASP C 503 10.07 14.52 -26.78
N TYR C 504 10.08 13.47 -25.97
CA TYR C 504 11.10 13.29 -24.93
C TYR C 504 11.85 11.97 -25.07
N VAL C 505 11.63 11.22 -26.15
CA VAL C 505 12.36 9.96 -26.33
C VAL C 505 13.86 10.21 -26.44
N GLY C 506 14.25 11.16 -27.29
CA GLY C 506 15.66 11.48 -27.42
C GLY C 506 16.23 12.09 -26.16
N ASP C 507 15.42 12.89 -25.46
CA ASP C 507 15.87 13.50 -24.21
C ASP C 507 16.19 12.45 -23.16
N LEU C 508 15.35 11.43 -23.03
CA LEU C 508 15.64 10.34 -22.10
C LEU C 508 16.80 9.47 -22.59
N ALA C 509 16.87 9.24 -23.90
CA ALA C 509 17.93 8.41 -24.46
C ALA C 509 19.30 9.05 -24.24
N ALA C 510 19.37 10.37 -24.25
CA ALA C 510 20.65 11.03 -23.99
C ALA C 510 21.17 10.71 -22.59
N GLN C 511 20.27 10.72 -21.59
CA GLN C 511 20.67 10.41 -20.23
C GLN C 511 20.85 8.93 -19.99
N ILE C 512 20.26 8.07 -20.83
CA ILE C 512 20.34 6.63 -20.62
C ILE C 512 21.78 6.13 -20.75
N SER C 513 22.61 6.81 -21.54
CA SER C 513 23.91 6.29 -21.93
C SER C 513 24.98 6.51 -20.85
N SER C 514 24.69 5.97 -19.66
CA SER C 514 25.65 5.79 -18.56
C SER C 514 26.47 7.05 -18.29
N ASP C 515 25.78 8.11 -17.89
CA ASP C 515 26.46 9.37 -17.59
C ASP C 515 26.11 9.86 -16.19
N GLU C 516 24.86 9.68 -15.78
CA GLU C 516 24.36 10.23 -14.52
C GLU C 516 24.07 9.07 -13.57
N GLU C 517 25.11 8.63 -12.85
CA GLU C 517 25.00 7.61 -11.82
C GLU C 517 24.23 6.38 -12.30
N GLU C 518 23.39 5.83 -11.43
CA GLU C 518 22.57 4.67 -11.74
C GLU C 518 21.13 4.82 -11.31
N GLU C 519 20.83 5.67 -10.33
CA GLU C 519 19.46 5.91 -9.90
C GLU C 519 18.70 6.78 -10.91
N PHE C 520 19.39 7.66 -11.62
CA PHE C 520 18.77 8.47 -12.65
C PHE C 520 18.68 7.75 -13.98
N VAL C 521 19.66 6.90 -14.31
CA VAL C 521 19.64 6.16 -15.56
C VAL C 521 18.53 5.11 -15.55
N ILE C 522 18.33 4.47 -14.40
CA ILE C 522 17.34 3.39 -14.33
C ILE C 522 15.94 3.94 -14.55
N GLU C 523 15.67 5.17 -14.07
CA GLU C 523 14.34 5.74 -14.26
C GLU C 523 14.14 6.19 -15.71
N CYS C 524 15.18 6.73 -16.34
CA CYS C 524 15.07 7.07 -17.76
C CYS C 524 14.82 5.83 -18.60
N LEU C 525 15.53 4.73 -18.30
CA LEU C 525 15.30 3.48 -19.01
C LEU C 525 13.90 2.96 -18.78
N GLY C 526 13.41 3.04 -17.54
CA GLY C 526 12.06 2.59 -17.25
C GLY C 526 11.01 3.41 -17.97
N THR C 527 11.18 4.73 -18.01
CA THR C 527 10.24 5.57 -18.71
C THR C 527 10.25 5.28 -20.20
N LEU C 528 11.44 5.12 -20.80
CA LEU C 528 11.51 4.83 -22.22
C LEU C 528 10.92 3.47 -22.55
N ALA C 529 11.06 2.50 -21.65
CA ALA C 529 10.49 1.18 -21.88
C ALA C 529 8.98 1.19 -21.83
N ASN C 530 8.39 2.18 -21.17
CA ASN C 530 6.95 2.28 -21.06
C ASN C 530 6.30 2.86 -22.31
N LEU C 531 7.09 3.40 -23.23
CA LEU C 531 6.54 4.07 -24.41
C LEU C 531 6.32 3.03 -25.51
N THR C 532 5.22 2.30 -25.36
CA THR C 532 4.80 1.28 -26.31
C THR C 532 3.87 1.88 -27.38
N ILE C 533 4.31 2.95 -27.99
CA ILE C 533 3.52 3.64 -29.02
C ILE C 533 3.66 2.88 -30.34
N PRO C 534 2.56 2.49 -30.98
CA PRO C 534 2.65 1.49 -32.07
C PRO C 534 3.35 1.99 -33.34
N ASP C 535 3.57 3.28 -33.50
CA ASP C 535 4.22 3.79 -34.71
C ASP C 535 5.40 4.70 -34.39
N LEU C 536 6.14 4.39 -33.33
CA LEU C 536 7.28 5.20 -32.96
C LEU C 536 8.55 4.67 -33.64
N ASP C 537 9.40 5.60 -34.07
CA ASP C 537 10.63 5.27 -34.79
C ASP C 537 11.76 5.10 -33.78
N TRP C 538 12.12 3.86 -33.51
CA TRP C 538 13.24 3.56 -32.62
C TRP C 538 14.55 3.42 -33.36
N GLU C 539 14.53 3.31 -34.70
CA GLU C 539 15.75 3.09 -35.44
C GLU C 539 16.67 4.31 -35.35
N LEU C 540 16.12 5.50 -35.58
CA LEU C 540 16.93 6.71 -35.48
C LEU C 540 17.40 6.94 -34.04
N VAL C 541 16.52 6.66 -33.08
CA VAL C 541 16.88 6.81 -31.67
C VAL C 541 18.06 5.92 -31.32
N LEU C 542 18.02 4.66 -31.78
CA LEU C 542 19.13 3.75 -31.52
C LEU C 542 20.38 4.15 -32.28
N LYS C 543 20.21 4.63 -33.51
CA LYS C 543 21.36 5.02 -34.36
C LYS C 543 22.19 6.15 -33.73
N GLU C 544 21.55 7.22 -33.26
CA GLU C 544 22.32 8.41 -32.79
C GLU C 544 22.88 8.17 -31.38
N TYR C 545 22.05 7.70 -30.46
CA TYR C 545 22.51 7.55 -29.05
C TYR C 545 23.35 6.28 -28.94
N LYS C 546 23.60 5.60 -30.08
CA LYS C 546 24.39 4.35 -30.08
C LYS C 546 24.05 3.59 -28.80
N LEU C 547 22.76 3.38 -28.55
CA LEU C 547 22.35 2.74 -27.28
C LEU C 547 22.28 1.23 -27.43
N VAL C 548 22.66 0.70 -28.60
CA VAL C 548 22.48 -0.75 -28.68
C VAL C 548 23.67 -1.50 -28.09
N PRO C 549 24.92 -1.08 -28.32
CA PRO C 549 26.03 -1.71 -27.58
C PRO C 549 25.92 -1.59 -26.06
N PHE C 550 25.41 -0.49 -25.53
CA PHE C 550 25.23 -0.36 -24.08
C PHE C 550 24.23 -1.40 -23.57
N LEU C 551 23.11 -1.57 -24.28
CA LEU C 551 22.14 -2.58 -23.90
C LEU C 551 22.73 -3.98 -23.99
N LYS C 552 23.52 -4.24 -25.02
CA LYS C 552 24.19 -5.54 -25.12
C LYS C 552 25.16 -5.76 -23.97
N ASP C 553 25.91 -4.73 -23.60
CA ASP C 553 26.89 -4.86 -22.53
C ASP C 553 26.24 -5.06 -21.18
N LYS C 554 25.03 -4.53 -20.99
CA LYS C 554 24.33 -4.72 -19.73
C LYS C 554 23.81 -6.14 -19.55
N LEU C 555 23.85 -6.96 -20.59
CA LEU C 555 23.43 -8.36 -20.52
C LEU C 555 24.57 -9.29 -20.13
N LYS C 556 25.75 -8.74 -19.85
CA LYS C 556 26.89 -9.55 -19.42
C LYS C 556 26.62 -10.11 -18.02
N PRO C 557 27.27 -11.22 -17.66
CA PRO C 557 26.97 -11.85 -16.35
C PRO C 557 27.21 -10.94 -15.15
N GLY C 558 28.24 -10.12 -15.19
CA GLY C 558 28.54 -9.26 -14.05
C GLY C 558 28.62 -7.79 -14.41
N ALA C 559 27.76 -7.34 -15.31
CA ALA C 559 27.82 -5.95 -15.77
C ALA C 559 27.21 -5.00 -14.76
N ALA C 560 25.92 -5.17 -14.45
CA ALA C 560 25.21 -4.26 -13.55
C ALA C 560 24.31 -5.06 -12.64
N GLU C 561 23.55 -4.34 -11.81
CA GLU C 561 22.61 -4.97 -10.88
C GLU C 561 21.40 -5.51 -11.65
N ASP C 562 20.64 -6.36 -10.96
CA ASP C 562 19.59 -7.12 -11.63
C ASP C 562 18.45 -6.22 -12.12
N ASP C 563 18.13 -5.16 -11.39
CA ASP C 563 17.04 -4.27 -11.82
C ASP C 563 17.38 -3.58 -13.13
N LEU C 564 18.63 -3.13 -13.29
CA LEU C 564 19.03 -2.51 -14.54
C LEU C 564 19.00 -3.50 -15.68
N VAL C 565 19.39 -4.75 -15.44
CA VAL C 565 19.34 -5.77 -16.48
C VAL C 565 17.89 -6.04 -16.88
N LEU C 566 16.99 -6.12 -15.91
CA LEU C 566 15.59 -6.33 -16.22
C LEU C 566 15.01 -5.18 -17.05
N GLU C 567 15.36 -3.94 -16.70
CA GLU C 567 14.83 -2.83 -17.47
C GLU C 567 15.50 -2.73 -18.83
N VAL C 568 16.72 -3.23 -18.96
CA VAL C 568 17.34 -3.38 -20.28
C VAL C 568 16.55 -4.37 -21.12
N VAL C 569 16.11 -5.47 -20.49
CA VAL C 569 15.29 -6.45 -21.20
C VAL C 569 14.00 -5.81 -21.68
N ILE C 570 13.37 -5.01 -20.83
CA ILE C 570 12.11 -4.37 -21.22
C ILE C 570 12.35 -3.34 -22.33
N MET C 571 13.49 -2.65 -22.28
CA MET C 571 13.91 -1.80 -23.40
C MET C 571 14.00 -2.57 -24.70
N ILE C 572 14.66 -3.73 -24.68
CA ILE C 572 14.81 -4.51 -25.90
C ILE C 572 13.44 -4.93 -26.42
N GLY C 573 12.55 -5.34 -25.51
CA GLY C 573 11.21 -5.72 -25.92
C GLY C 573 10.43 -4.58 -26.57
N THR C 574 10.51 -3.38 -25.97
CA THR C 574 9.83 -2.22 -26.54
C THR C 574 10.42 -1.85 -27.90
N VAL C 575 11.74 -1.91 -28.03
CA VAL C 575 12.40 -1.53 -29.27
C VAL C 575 12.04 -2.50 -30.39
N SER C 576 11.88 -3.79 -30.06
CA SER C 576 11.57 -4.78 -31.08
C SER C 576 10.22 -4.56 -31.75
N MET C 577 9.38 -3.69 -31.20
CA MET C 577 8.08 -3.39 -31.82
C MET C 577 8.22 -2.75 -33.18
N ASP C 578 9.36 -2.16 -33.50
CA ASP C 578 9.59 -1.49 -34.77
C ASP C 578 10.30 -2.44 -35.72
N ASP C 579 9.78 -2.56 -36.94
CA ASP C 579 10.35 -3.50 -37.90
C ASP C 579 11.71 -3.03 -38.41
N SER C 580 11.90 -1.72 -38.56
CA SER C 580 13.15 -1.20 -39.10
C SER C 580 14.33 -1.53 -38.20
N CYS C 581 14.11 -1.67 -36.90
CA CYS C 581 15.17 -2.05 -35.98
C CYS C 581 15.46 -3.54 -35.99
N ALA C 582 14.60 -4.36 -36.60
CA ALA C 582 14.76 -5.80 -36.53
C ALA C 582 16.14 -6.24 -36.99
N ALA C 583 16.55 -5.78 -38.18
CA ALA C 583 17.88 -6.14 -38.67
C ALA C 583 18.97 -5.68 -37.71
N LEU C 584 18.83 -4.48 -37.15
CA LEU C 584 19.81 -4.00 -36.18
C LEU C 584 19.89 -4.94 -34.99
N LEU C 585 18.77 -5.53 -34.58
CA LEU C 585 18.80 -6.45 -33.46
C LEU C 585 19.34 -7.81 -33.85
N ALA C 586 19.33 -8.14 -35.15
CA ALA C 586 19.81 -9.45 -35.59
C ALA C 586 21.34 -9.52 -35.55
N LYS C 587 22.01 -8.47 -36.04
CA LYS C 587 23.46 -8.49 -36.13
C LYS C 587 24.14 -8.12 -34.82
N SER C 588 23.39 -7.58 -33.84
CA SER C 588 23.99 -7.15 -32.60
C SER C 588 24.39 -8.30 -31.70
N GLY C 589 23.72 -9.45 -31.81
CA GLY C 589 23.97 -10.53 -30.87
C GLY C 589 23.24 -10.41 -29.56
N ILE C 590 22.12 -9.69 -29.54
CA ILE C 590 21.32 -9.59 -28.32
C ILE C 590 20.63 -10.91 -28.00
N ILE C 591 20.22 -11.66 -29.03
CA ILE C 591 19.46 -12.89 -28.78
C ILE C 591 20.27 -13.94 -28.02
N PRO C 592 21.51 -14.27 -28.41
CA PRO C 592 22.29 -15.19 -27.58
C PRO C 592 22.53 -14.69 -26.17
N ALA C 593 22.75 -13.38 -26.00
CA ALA C 593 22.95 -12.84 -24.66
C ALA C 593 21.70 -13.00 -23.81
N LEU C 594 20.53 -12.79 -24.41
CA LEU C 594 19.28 -13.01 -23.70
C LEU C 594 19.09 -14.47 -23.35
N ILE C 595 19.54 -15.37 -24.23
CA ILE C 595 19.45 -16.80 -23.93
C ILE C 595 20.34 -17.15 -22.73
N GLU C 596 21.57 -16.64 -22.71
CA GLU C 596 22.44 -16.88 -21.56
C GLU C 596 21.84 -16.29 -20.29
N LEU C 597 21.26 -15.09 -20.38
CA LEU C 597 20.66 -14.47 -19.21
C LEU C 597 19.46 -15.27 -18.71
N LEU C 598 18.68 -15.82 -19.64
CA LEU C 598 17.56 -16.68 -19.26
C LEU C 598 18.06 -17.94 -18.57
N ASN C 599 19.16 -18.50 -19.05
CA ASN C 599 19.76 -19.66 -18.38
C ASN C 599 20.23 -19.29 -16.97
N ALA C 600 20.85 -18.12 -16.82
CA ALA C 600 21.40 -17.73 -15.52
C ALA C 600 20.32 -17.25 -14.56
N GLN C 601 19.21 -16.75 -15.06
CA GLN C 601 18.12 -16.24 -14.23
C GLN C 601 16.89 -17.15 -14.30
N GLN C 602 17.11 -18.46 -14.44
CA GLN C 602 15.98 -19.38 -14.57
C GLN C 602 15.17 -19.48 -13.29
N GLU C 603 15.69 -19.00 -12.17
CA GLU C 603 15.00 -19.04 -10.89
C GLU C 603 14.18 -17.79 -10.61
N ASP C 604 14.14 -16.84 -11.54
CA ASP C 604 13.37 -15.61 -11.39
C ASP C 604 12.24 -15.61 -12.40
N ASP C 605 11.00 -15.50 -11.91
CA ASP C 605 9.85 -15.52 -12.80
C ASP C 605 9.78 -14.26 -13.64
N GLU C 606 10.11 -13.10 -13.06
CA GLU C 606 10.05 -11.85 -13.79
C GLU C 606 11.03 -11.84 -14.96
N PHE C 607 12.26 -12.28 -14.72
CA PHE C 607 13.27 -12.26 -15.78
C PHE C 607 12.88 -13.17 -16.92
N VAL C 608 12.44 -14.39 -16.62
CA VAL C 608 12.09 -15.32 -17.69
C VAL C 608 10.86 -14.83 -18.43
N CYS C 609 9.89 -14.25 -17.71
CA CYS C 609 8.70 -13.73 -18.36
C CYS C 609 9.05 -12.61 -19.33
N GLN C 610 9.93 -11.69 -18.92
CA GLN C 610 10.26 -10.56 -19.77
C GLN C 610 11.13 -10.99 -20.96
N ILE C 611 12.02 -11.95 -20.76
CA ILE C 611 12.83 -12.44 -21.88
C ILE C 611 11.95 -13.14 -22.91
N ILE C 612 11.00 -13.95 -22.45
CA ILE C 612 10.10 -14.62 -23.39
C ILE C 612 9.21 -13.60 -24.07
N TYR C 613 8.84 -12.51 -23.39
CA TYR C 613 8.09 -11.47 -24.08
C TYR C 613 8.93 -10.79 -25.14
N VAL C 614 10.22 -10.61 -24.88
CA VAL C 614 11.10 -10.06 -25.91
C VAL C 614 11.11 -10.98 -27.13
N PHE C 615 11.18 -12.29 -26.89
CA PHE C 615 11.14 -13.24 -28.01
C PHE C 615 9.81 -13.14 -28.76
N TYR C 616 8.71 -13.03 -28.03
CA TYR C 616 7.40 -12.90 -28.68
C TYR C 616 7.33 -11.64 -29.52
N GLN C 617 7.96 -10.56 -29.05
CA GLN C 617 7.99 -9.34 -29.85
C GLN C 617 8.83 -9.52 -31.10
N MET C 618 9.97 -10.20 -30.99
CA MET C 618 10.89 -10.24 -32.11
C MET C 618 10.72 -11.46 -33.01
N VAL C 619 9.68 -12.27 -32.83
CA VAL C 619 9.44 -13.32 -33.81
C VAL C 619 8.91 -12.71 -35.12
N PHE C 620 7.85 -11.92 -35.05
CA PHE C 620 7.19 -11.51 -36.29
C PHE C 620 7.84 -10.30 -36.96
N HIS C 621 9.11 -10.39 -37.32
CA HIS C 621 9.79 -9.32 -38.04
C HIS C 621 10.68 -9.82 -39.17
N GLN C 622 10.68 -11.12 -39.46
CA GLN C 622 11.28 -11.74 -40.62
C GLN C 622 12.80 -11.71 -40.62
N ALA C 623 13.44 -11.05 -39.66
CA ALA C 623 14.89 -10.98 -39.56
C ALA C 623 15.39 -11.57 -38.26
N THR C 624 14.76 -11.24 -37.14
CA THR C 624 15.07 -11.88 -35.88
C THR C 624 14.37 -13.23 -35.72
N ARG C 625 13.35 -13.50 -36.53
CA ARG C 625 12.75 -14.83 -36.56
C ARG C 625 13.76 -15.88 -37.00
N ASP C 626 14.54 -15.58 -38.04
CA ASP C 626 15.52 -16.54 -38.53
C ASP C 626 16.56 -16.85 -37.46
N VAL C 627 17.01 -15.83 -36.75
CA VAL C 627 17.96 -16.07 -35.66
C VAL C 627 17.30 -16.87 -34.55
N ILE C 628 16.06 -16.54 -34.21
CA ILE C 628 15.39 -17.21 -33.10
C ILE C 628 15.20 -18.69 -33.41
N ILE C 629 14.79 -19.01 -34.63
CA ILE C 629 14.44 -20.38 -35.00
C ILE C 629 15.67 -21.16 -35.45
N LYS C 630 16.29 -20.72 -36.54
CA LYS C 630 17.35 -21.50 -37.18
C LYS C 630 18.67 -21.44 -36.44
N GLU C 631 19.01 -20.30 -35.83
CA GLU C 631 20.35 -20.10 -35.30
C GLU C 631 20.47 -20.38 -33.81
N THR C 632 19.44 -20.11 -33.02
CA THR C 632 19.53 -20.25 -31.58
C THR C 632 18.63 -21.40 -31.09
N GLN C 633 18.90 -21.83 -29.86
CA GLN C 633 18.11 -22.84 -29.20
C GLN C 633 17.04 -22.26 -28.28
N ALA C 634 16.62 -21.02 -28.55
CA ALA C 634 15.55 -20.42 -27.75
C ALA C 634 14.26 -21.22 -27.77
N PRO C 635 13.78 -21.75 -28.91
CA PRO C 635 12.57 -22.58 -28.84
C PRO C 635 12.73 -23.80 -27.96
N ALA C 636 13.95 -24.36 -27.85
CA ALA C 636 14.14 -25.47 -26.94
C ALA C 636 13.88 -25.04 -25.49
N TYR C 637 14.31 -23.84 -25.12
CA TYR C 637 14.02 -23.32 -23.80
C TYR C 637 12.54 -23.05 -23.62
N LEU C 638 11.88 -22.58 -24.68
CA LEU C 638 10.45 -22.32 -24.64
C LEU C 638 9.63 -23.58 -24.45
N ILE C 639 10.00 -24.67 -25.12
CA ILE C 639 9.37 -25.97 -24.93
C ILE C 639 9.51 -26.45 -23.48
N ASP C 640 10.71 -26.31 -22.91
CA ASP C 640 10.97 -26.88 -21.59
C ASP C 640 10.25 -26.16 -20.45
N LEU C 641 9.74 -24.95 -20.67
CA LEU C 641 9.03 -24.23 -19.63
C LEU C 641 7.69 -23.72 -20.12
N MET C 642 7.01 -24.49 -20.98
CA MET C 642 5.72 -24.06 -21.49
C MET C 642 4.63 -24.22 -20.45
N HIS C 643 4.68 -25.30 -19.67
CA HIS C 643 3.73 -25.54 -18.58
C HIS C 643 4.34 -25.15 -17.23
N ASP C 644 4.67 -23.86 -17.10
CA ASP C 644 5.24 -23.39 -15.86
C ASP C 644 4.16 -23.19 -14.80
N LYS C 645 4.59 -23.03 -13.56
CA LYS C 645 3.65 -22.76 -12.48
C LYS C 645 3.05 -21.36 -12.57
N ASN C 646 3.60 -20.50 -13.41
CA ASN C 646 3.18 -19.10 -13.51
C ASN C 646 2.29 -18.92 -14.74
N ASN C 647 1.12 -18.30 -14.54
CA ASN C 647 0.19 -18.11 -15.63
C ASN C 647 0.75 -17.17 -16.69
N GLU C 648 1.43 -16.11 -16.27
CA GLU C 648 1.99 -15.15 -17.23
C GLU C 648 3.06 -15.80 -18.10
N ILE C 649 3.96 -16.57 -17.48
CA ILE C 649 5.00 -17.25 -18.24
C ILE C 649 4.39 -18.21 -19.24
N ARG C 650 3.40 -18.98 -18.79
CA ARG C 650 2.73 -19.93 -19.67
C ARG C 650 2.06 -19.21 -20.83
N LYS C 651 1.39 -18.09 -20.56
CA LYS C 651 0.68 -17.39 -21.62
C LYS C 651 1.65 -16.83 -22.66
N VAL C 652 2.74 -16.23 -22.19
CA VAL C 652 3.70 -15.66 -23.13
C VAL C 652 4.36 -16.75 -23.96
N CYS C 653 4.75 -17.86 -23.32
CA CYS C 653 5.37 -18.95 -24.05
C CYS C 653 4.42 -19.55 -25.07
N ASP C 654 3.15 -19.72 -24.70
CA ASP C 654 2.17 -20.27 -25.61
C ASP C 654 1.97 -19.35 -26.81
N ASN C 655 1.85 -18.05 -26.57
CA ASN C 655 1.65 -17.13 -27.69
C ASN C 655 2.88 -17.07 -28.59
N THR C 656 4.08 -17.15 -28.02
CA THR C 656 5.27 -17.17 -28.85
C THR C 656 5.33 -18.44 -29.71
N LEU C 657 4.96 -19.58 -29.13
CA LEU C 657 5.11 -20.85 -29.85
C LEU C 657 4.05 -21.07 -30.91
N ASP C 658 3.01 -20.24 -30.96
CA ASP C 658 2.11 -20.26 -32.11
C ASP C 658 2.72 -19.55 -33.31
N ILE C 659 3.62 -18.59 -33.09
CA ILE C 659 4.30 -17.93 -34.20
C ILE C 659 5.27 -18.90 -34.87
N ILE C 660 5.98 -19.71 -34.07
CA ILE C 660 6.97 -20.65 -34.59
C ILE C 660 6.34 -21.91 -35.16
N ALA C 661 5.03 -22.08 -35.03
CA ALA C 661 4.38 -23.29 -35.52
C ALA C 661 4.47 -23.39 -37.04
N GLU C 662 4.29 -22.27 -37.75
CA GLU C 662 4.21 -22.33 -39.20
C GLU C 662 5.54 -22.01 -39.88
N TYR C 663 6.34 -21.13 -39.30
CA TYR C 663 7.60 -20.77 -39.94
C TYR C 663 8.65 -21.88 -39.84
N ASP C 664 8.37 -22.93 -39.08
CA ASP C 664 9.23 -24.10 -39.05
C ASP C 664 8.37 -25.33 -38.81
N GLU C 665 8.54 -26.35 -39.65
CA GLU C 665 7.76 -27.58 -39.54
C GLU C 665 8.34 -28.58 -38.56
N GLU C 666 9.65 -28.52 -38.30
CA GLU C 666 10.25 -29.39 -37.29
C GLU C 666 9.90 -28.92 -35.88
N TRP C 667 9.92 -27.61 -35.67
CA TRP C 667 9.59 -27.08 -34.34
C TRP C 667 8.12 -27.33 -34.00
N ALA C 668 7.24 -27.36 -35.00
CA ALA C 668 5.86 -27.75 -34.73
C ALA C 668 5.79 -29.20 -34.24
N LYS C 669 6.56 -30.08 -34.87
CA LYS C 669 6.61 -31.47 -34.42
C LYS C 669 7.11 -31.57 -32.99
N LYS C 670 8.13 -30.79 -32.65
CA LYS C 670 8.62 -30.79 -31.28
C LYS C 670 7.55 -30.28 -30.32
N ILE C 671 6.85 -29.19 -30.68
CA ILE C 671 5.85 -28.60 -29.79
C ILE C 671 4.68 -29.53 -29.61
N GLN C 672 4.45 -30.45 -30.56
CA GLN C 672 3.41 -31.45 -30.39
C GLN C 672 3.88 -32.59 -29.48
N SER C 673 5.00 -33.23 -29.85
CA SER C 673 5.51 -34.36 -29.10
C SER C 673 5.73 -33.99 -27.64
N GLU C 674 6.41 -32.86 -27.41
CA GLU C 674 6.35 -32.23 -26.10
C GLU C 674 4.96 -31.68 -25.90
N LYS C 675 4.49 -31.71 -24.65
CA LYS C 675 3.15 -31.34 -24.23
C LYS C 675 2.13 -32.43 -24.57
N PHE C 676 2.44 -33.33 -25.52
CA PHE C 676 1.69 -34.59 -25.43
C PHE C 676 2.36 -35.54 -24.47
N ARG C 677 3.69 -35.61 -24.50
CA ARG C 677 4.42 -36.39 -23.52
C ARG C 677 4.22 -35.81 -22.13
N TRP C 678 4.23 -34.48 -22.01
CA TRP C 678 4.06 -33.87 -20.70
C TRP C 678 2.61 -33.94 -20.23
N HIS C 679 1.65 -33.77 -21.14
CA HIS C 679 0.26 -33.79 -20.72
C HIS C 679 -0.11 -35.13 -20.10
N ASN C 680 0.43 -36.23 -20.63
CA ASN C 680 0.16 -37.57 -20.16
C ASN C 680 1.42 -38.25 -19.63
N SER C 681 2.22 -37.50 -18.87
CA SER C 681 3.52 -37.99 -18.44
C SER C 681 3.40 -39.22 -17.54
N GLN C 682 2.43 -39.21 -16.63
CA GLN C 682 2.24 -40.35 -15.74
C GLN C 682 1.86 -41.61 -16.53
N TRP C 683 1.02 -41.44 -17.56
CA TRP C 683 0.62 -42.58 -18.37
C TRP C 683 1.79 -43.14 -19.16
N LEU C 684 2.81 -42.31 -19.40
CA LEU C 684 3.98 -42.79 -20.14
C LEU C 684 5.05 -43.32 -19.22
N GLU C 685 5.03 -42.93 -17.95
CA GLU C 685 5.97 -43.50 -16.98
C GLU C 685 5.42 -44.75 -16.32
N MET C 686 4.12 -45.02 -16.44
CA MET C 686 3.52 -46.17 -15.75
C MET C 686 4.05 -47.49 -16.27
N VAL C 687 4.71 -47.49 -17.44
CA VAL C 687 5.32 -48.71 -17.95
C VAL C 687 6.54 -49.06 -17.10
N GLU C 688 7.30 -48.03 -16.70
CA GLU C 688 8.48 -48.27 -15.88
C GLU C 688 8.09 -48.83 -14.51
N SER C 689 7.12 -48.20 -13.86
CA SER C 689 6.67 -48.65 -12.55
C SER C 689 5.70 -49.81 -12.68
#